data_5WTA
#
_entry.id   5WTA
#
_cell.length_a   41.810
_cell.length_b   61.730
_cell.length_c   139.610
_cell.angle_alpha   80.89
_cell.angle_beta   89.83
_cell.angle_gamma   73.34
#
_symmetry.space_group_name_H-M   'P 1'
#
loop_
_entity.id
_entity.type
_entity.pdbx_description
1 polymer 'Serine-aspartate repeat-containing protein E'
2 water water
#
_entity_poly.entity_id   1
_entity_poly.type   'polypeptide(L)'
_entity_poly.pdbx_seq_one_letter_code
;VASNNVNDLITVTKQTIKVGDGKDNVAAAHDGKDIEYDTEFTIDNKVKKGDTMTINYDKNVIPSDLTDKNDPIDITDPSG
EVIAKGTFDKATKQITYTFTDYVDKYEDIKARLTLYSYIDKQAVPNETSLNLTFATAGKETSQNVSVDYQDPMVHGDSNI
QSIFTKLDENKQTIEQQIYVNPLKKTATNTKVDIAGSQVDDYGNIKLGNGSTIIDQNTEMKVYKVNPNQQLPQSNRIYDF
SQYEDVTSQFDNKKSFSNNVATLDFGDINSAYIIKVVSKYTPTSDGELDIAQGTSMRTTDKYGYYNYAGYSNFIVTSNDT
GGGDGTVKPELEHHHHHH
;
_entity_poly.pdbx_strand_id   A,B,C,D
#
# COMPACT_ATOMS: atom_id res chain seq x y z
N SER A 3 17.06 -41.08 -62.41
CA SER A 3 16.89 -40.09 -61.30
C SER A 3 17.60 -40.46 -60.00
N ASN A 4 18.22 -39.49 -59.34
CA ASN A 4 19.09 -39.79 -58.19
C ASN A 4 19.35 -38.61 -57.31
N ASN A 5 19.74 -38.90 -56.08
CA ASN A 5 20.16 -37.85 -55.16
C ASN A 5 21.56 -37.30 -55.51
N VAL A 6 21.65 -35.99 -55.69
CA VAL A 6 22.90 -35.39 -56.12
C VAL A 6 23.54 -34.48 -55.08
N ASN A 7 23.35 -34.79 -53.81
CA ASN A 7 23.98 -34.02 -52.75
C ASN A 7 25.49 -33.91 -52.91
N ASP A 8 26.11 -35.04 -53.20
CA ASP A 8 27.55 -35.14 -53.44
C ASP A 8 28.01 -34.19 -54.58
N LEU A 9 27.10 -33.88 -55.50
CA LEU A 9 27.36 -32.97 -56.62
C LEU A 9 26.99 -31.52 -56.34
N ILE A 10 26.79 -31.21 -55.07
CA ILE A 10 26.45 -29.87 -54.62
C ILE A 10 27.54 -29.33 -53.73
N THR A 11 28.13 -28.25 -54.17
CA THR A 11 29.16 -27.68 -53.38
C THR A 11 28.73 -26.48 -52.62
N VAL A 12 28.90 -26.56 -51.32
CA VAL A 12 28.41 -25.54 -50.45
C VAL A 12 29.46 -24.47 -50.25
N THR A 13 29.05 -23.24 -50.46
CA THR A 13 29.99 -22.10 -50.50
C THR A 13 29.89 -21.28 -49.21
N LYS A 14 28.67 -21.21 -48.67
CA LYS A 14 28.43 -20.52 -47.44
C LYS A 14 27.12 -20.99 -46.84
N GLN A 15 27.04 -20.94 -45.52
CA GLN A 15 25.80 -21.24 -44.82
C GLN A 15 25.84 -20.70 -43.39
N THR A 16 24.89 -19.82 -43.07
CA THR A 16 24.86 -19.16 -41.80
C THR A 16 23.48 -19.34 -41.19
N ILE A 17 23.46 -19.36 -39.86
CA ILE A 17 22.26 -19.55 -39.08
C ILE A 17 22.23 -18.36 -38.17
N LYS A 18 21.12 -17.64 -38.13
CA LYS A 18 21.04 -16.58 -37.16
C LYS A 18 19.61 -16.32 -36.67
N VAL A 19 19.50 -15.70 -35.50
CA VAL A 19 18.22 -15.23 -35.01
C VAL A 19 17.90 -14.00 -35.81
N GLY A 20 16.72 -13.98 -36.40
CA GLY A 20 16.21 -12.79 -37.11
C GLY A 20 14.96 -12.28 -36.43
N ASP A 21 14.42 -11.20 -36.95
CA ASP A 21 13.20 -10.63 -36.42
C ASP A 21 12.09 -11.03 -37.37
N GLY A 22 11.06 -11.65 -36.83
CA GLY A 22 9.87 -12.11 -37.62
C GLY A 22 9.19 -11.05 -38.48
N LYS A 23 9.24 -9.81 -38.04
CA LYS A 23 8.65 -8.72 -38.79
C LYS A 23 9.33 -8.56 -40.16
N ASP A 24 10.54 -9.11 -40.34
CA ASP A 24 11.31 -8.95 -41.56
C ASP A 24 11.07 -10.12 -42.53
N ASN A 25 10.14 -11.00 -42.21
CA ASN A 25 9.83 -12.14 -43.05
C ASN A 25 8.62 -11.79 -43.94
N VAL A 26 8.90 -10.99 -44.93
CA VAL A 26 7.88 -10.31 -45.71
C VAL A 26 6.75 -11.22 -46.19
N ALA A 27 7.11 -12.43 -46.64
CA ALA A 27 6.13 -13.42 -47.08
C ALA A 27 5.10 -13.75 -45.98
N ALA A 28 5.58 -13.81 -44.74
CA ALA A 28 4.72 -14.12 -43.60
C ALA A 28 5.19 -13.38 -42.35
N ALA A 29 4.85 -12.11 -42.24
CA ALA A 29 5.36 -11.31 -41.15
C ALA A 29 4.54 -11.46 -39.90
N HIS A 30 5.25 -11.65 -38.79
CA HIS A 30 4.65 -11.59 -37.45
C HIS A 30 5.56 -11.14 -36.33
N ASP A 31 4.95 -10.66 -35.24
CA ASP A 31 5.78 -10.20 -34.12
C ASP A 31 6.60 -11.37 -33.61
N GLY A 32 7.78 -11.07 -33.07
CA GLY A 32 8.59 -12.11 -32.46
C GLY A 32 9.82 -12.42 -33.28
N LYS A 33 10.60 -13.38 -32.82
CA LYS A 33 11.89 -13.71 -33.42
C LYS A 33 11.75 -14.93 -34.31
N ASP A 34 12.58 -15.04 -35.33
CA ASP A 34 12.62 -16.27 -36.12
C ASP A 34 14.02 -16.84 -36.22
N ILE A 35 14.16 -17.84 -37.07
CA ILE A 35 15.48 -18.38 -37.37
C ILE A 35 15.76 -18.36 -38.86
N GLU A 36 16.90 -17.78 -39.21
CA GLU A 36 17.21 -17.54 -40.60
C GLU A 36 18.36 -18.40 -41.01
N TYR A 37 18.16 -19.20 -42.08
CA TYR A 37 19.18 -20.05 -42.63
C TYR A 37 19.48 -19.63 -44.03
N ASP A 38 20.67 -19.10 -44.24
CA ASP A 38 21.02 -18.50 -45.51
C ASP A 38 22.13 -19.36 -46.04
N THR A 39 21.96 -19.87 -47.26
CA THR A 39 22.97 -20.77 -47.85
C THR A 39 23.23 -20.48 -49.34
N GLU A 40 24.48 -20.69 -49.75
CA GLU A 40 24.93 -20.48 -51.13
C GLU A 40 25.71 -21.69 -51.60
N PHE A 41 25.52 -22.08 -52.85
CA PHE A 41 26.19 -23.28 -53.36
C PHE A 41 26.27 -23.27 -54.87
N THR A 42 27.14 -24.09 -55.43
CA THR A 42 27.12 -24.28 -56.86
C THR A 42 26.67 -25.70 -57.18
N ILE A 43 26.12 -25.86 -58.39
CA ILE A 43 25.58 -27.11 -58.79
C ILE A 43 26.39 -27.63 -59.97
N ASP A 44 26.90 -28.85 -59.85
CA ASP A 44 27.64 -29.49 -60.93
C ASP A 44 26.77 -29.60 -62.15
N ASN A 45 27.39 -29.43 -63.30
CA ASN A 45 26.69 -29.50 -64.61
C ASN A 45 26.07 -30.87 -64.90
N LYS A 46 26.62 -31.94 -64.35
CA LYS A 46 26.05 -33.26 -64.57
C LYS A 46 24.62 -33.38 -64.02
N VAL A 47 24.30 -32.57 -63.01
CA VAL A 47 22.93 -32.52 -62.45
C VAL A 47 21.88 -32.29 -63.50
N LYS A 48 20.78 -33.04 -63.39
CA LYS A 48 19.68 -32.98 -64.40
C LYS A 48 18.28 -32.91 -63.76
N LYS A 49 17.29 -32.53 -64.56
CA LYS A 49 15.90 -32.44 -64.14
C LYS A 49 15.45 -33.71 -63.47
N GLY A 50 14.71 -33.58 -62.37
CA GLY A 50 14.25 -34.75 -61.61
C GLY A 50 15.22 -35.25 -60.53
N ASP A 51 16.47 -34.81 -60.58
CA ASP A 51 17.41 -35.05 -59.49
C ASP A 51 17.00 -34.26 -58.23
N THR A 52 17.57 -34.65 -57.11
CA THR A 52 17.15 -34.14 -55.82
C THR A 52 18.35 -33.83 -54.96
N MET A 53 18.21 -32.82 -54.12
CA MET A 53 19.13 -32.53 -53.03
C MET A 53 18.26 -32.24 -51.83
N THR A 54 18.85 -32.26 -50.65
CA THR A 54 18.09 -32.04 -49.44
C THR A 54 18.64 -30.90 -48.60
N ILE A 55 17.79 -30.42 -47.71
CA ILE A 55 18.17 -29.43 -46.73
C ILE A 55 17.67 -29.91 -45.37
N ASN A 56 18.50 -29.80 -44.34
CA ASN A 56 18.07 -30.23 -43.03
C ASN A 56 17.84 -29.07 -42.08
N TYR A 57 16.67 -29.14 -41.43
CA TYR A 57 16.28 -28.22 -40.36
C TYR A 57 16.78 -28.83 -39.10
N ASP A 58 17.04 -27.97 -38.11
CA ASP A 58 17.35 -28.41 -36.75
C ASP A 58 16.16 -29.08 -36.15
N LYS A 59 16.41 -30.01 -35.24
CA LYS A 59 15.38 -30.80 -34.59
C LYS A 59 14.39 -29.88 -33.85
N ASN A 60 14.91 -28.74 -33.36
CA ASN A 60 14.13 -27.84 -32.55
C ASN A 60 13.54 -26.67 -33.31
N VAL A 61 13.50 -26.71 -34.64
CA VAL A 61 12.71 -25.70 -35.35
C VAL A 61 11.60 -26.32 -36.21
N ILE A 62 10.64 -25.47 -36.59
CA ILE A 62 9.57 -25.84 -37.51
C ILE A 62 9.44 -24.68 -38.47
N PRO A 63 9.05 -24.97 -39.71
CA PRO A 63 8.98 -23.98 -40.78
C PRO A 63 8.01 -22.85 -40.49
N SER A 64 6.96 -23.13 -39.71
CA SER A 64 6.00 -22.11 -39.28
C SER A 64 5.45 -22.53 -37.94
N ASP A 65 5.39 -21.61 -36.98
CA ASP A 65 4.96 -22.02 -35.64
C ASP A 65 3.50 -21.58 -35.36
N LEU A 66 2.81 -21.17 -36.42
CA LEU A 66 1.44 -20.80 -36.36
C LEU A 66 0.57 -21.73 -37.15
N THR A 67 1.19 -22.45 -38.07
CA THR A 67 0.47 -23.45 -38.84
C THR A 67 1.42 -24.58 -39.18
N ASP A 68 0.85 -25.55 -39.85
CA ASP A 68 1.48 -26.64 -40.52
C ASP A 68 1.48 -26.54 -42.04
N LYS A 69 1.43 -25.33 -42.58
CA LYS A 69 1.50 -25.17 -44.03
C LYS A 69 3.01 -25.14 -44.18
N ASN A 70 3.60 -26.25 -44.57
CA ASN A 70 5.05 -26.39 -44.45
C ASN A 70 5.62 -26.42 -45.88
N ASP A 71 4.88 -25.92 -46.87
CA ASP A 71 5.38 -25.87 -48.28
C ASP A 71 6.58 -24.93 -48.49
N PRO A 72 7.80 -25.49 -48.64
CA PRO A 72 8.91 -24.55 -48.69
C PRO A 72 8.98 -23.71 -49.95
N ILE A 73 9.63 -22.56 -49.83
CA ILE A 73 9.84 -21.68 -50.99
C ILE A 73 10.75 -22.36 -52.03
N ASP A 74 10.53 -22.05 -53.30
CA ASP A 74 11.37 -22.55 -54.40
C ASP A 74 12.82 -22.04 -54.26
N ILE A 75 13.76 -22.79 -54.84
CA ILE A 75 15.11 -22.28 -55.10
C ILE A 75 15.02 -21.56 -56.44
N THR A 76 15.39 -20.29 -56.45
CA THR A 76 15.26 -19.46 -57.62
C THR A 76 16.57 -18.75 -57.97
N ASP A 77 16.75 -18.46 -59.25
CA ASP A 77 17.87 -17.56 -59.64
C ASP A 77 17.55 -16.07 -59.35
N PRO A 78 18.52 -15.14 -59.53
CA PRO A 78 18.24 -13.74 -59.22
C PRO A 78 17.02 -13.18 -59.92
N SER A 79 16.63 -13.70 -61.07
CA SER A 79 15.47 -13.17 -61.80
C SER A 79 14.18 -13.86 -61.39
N GLY A 80 14.26 -14.79 -60.44
CA GLY A 80 13.07 -15.47 -59.94
C GLY A 80 12.72 -16.74 -60.71
N GLU A 81 13.55 -17.08 -61.70
CA GLU A 81 13.34 -18.32 -62.43
C GLU A 81 13.63 -19.54 -61.52
N VAL A 82 12.76 -20.56 -61.60
CA VAL A 82 12.77 -21.65 -60.63
C VAL A 82 13.75 -22.73 -60.99
N ILE A 83 14.73 -22.86 -60.14
CA ILE A 83 15.73 -23.93 -60.21
C ILE A 83 15.20 -25.28 -59.65
N ALA A 84 14.42 -25.22 -58.57
CA ALA A 84 13.87 -26.43 -57.99
C ALA A 84 12.70 -26.18 -57.04
N LYS A 85 11.81 -27.17 -56.96
CA LYS A 85 10.63 -27.13 -56.08
C LYS A 85 10.80 -28.15 -54.97
N GLY A 86 10.33 -27.79 -53.78
CA GLY A 86 10.60 -28.60 -52.57
C GLY A 86 9.35 -29.15 -51.88
N THR A 87 9.56 -30.20 -51.11
CA THR A 87 8.53 -30.69 -50.19
C THR A 87 9.20 -30.87 -48.82
N PHE A 88 8.47 -30.56 -47.76
CA PHE A 88 8.94 -30.77 -46.38
C PHE A 88 8.51 -32.14 -45.76
N ASP A 89 9.45 -32.87 -45.19
CA ASP A 89 9.14 -34.06 -44.44
C ASP A 89 9.25 -33.75 -42.94
N LYS A 90 8.11 -33.73 -42.25
CA LYS A 90 8.08 -33.39 -40.81
C LYS A 90 8.85 -34.40 -39.96
N ALA A 91 8.87 -35.66 -40.39
CA ALA A 91 9.51 -36.75 -39.63
C ALA A 91 11.02 -36.61 -39.57
N THR A 92 11.63 -36.35 -40.72
CA THR A 92 13.06 -36.19 -40.86
C THR A 92 13.51 -34.74 -40.75
N LYS A 93 12.54 -33.82 -40.73
CA LYS A 93 12.82 -32.36 -40.66
C LYS A 93 13.77 -31.92 -41.78
N GLN A 94 13.44 -32.38 -42.97
CA GLN A 94 14.29 -32.24 -44.11
C GLN A 94 13.45 -31.88 -45.31
N ILE A 95 13.92 -30.90 -46.08
CA ILE A 95 13.29 -30.54 -47.34
C ILE A 95 13.99 -31.30 -48.44
N THR A 96 13.22 -31.92 -49.32
CA THR A 96 13.75 -32.55 -50.52
C THR A 96 13.46 -31.67 -51.72
N TYR A 97 14.49 -31.09 -52.34
CA TYR A 97 14.29 -30.21 -53.47
C TYR A 97 14.48 -31.02 -54.75
N THR A 98 13.59 -30.83 -55.73
CA THR A 98 13.69 -31.52 -57.02
C THR A 98 13.99 -30.52 -58.13
N PHE A 99 15.11 -30.72 -58.82
CA PHE A 99 15.52 -29.83 -59.87
C PHE A 99 14.62 -29.87 -61.06
N THR A 100 14.37 -28.69 -61.65
CA THR A 100 13.54 -28.52 -62.81
C THR A 100 14.41 -28.62 -64.09
N ASP A 101 13.87 -28.28 -65.27
CA ASP A 101 14.69 -28.26 -66.50
C ASP A 101 15.80 -27.17 -66.50
N TYR A 102 15.75 -26.28 -65.53
CA TYR A 102 16.70 -25.19 -65.41
C TYR A 102 18.11 -25.73 -65.40
N VAL A 103 18.35 -26.80 -64.65
CA VAL A 103 19.68 -27.44 -64.67
C VAL A 103 20.06 -28.11 -66.02
N ASP A 104 19.10 -28.23 -66.94
CA ASP A 104 19.40 -28.75 -68.27
C ASP A 104 19.59 -27.60 -69.23
N LYS A 105 18.91 -26.49 -69.01
CA LYS A 105 19.03 -25.30 -69.91
C LYS A 105 20.32 -24.50 -69.70
N TYR A 106 20.92 -24.63 -68.52
CA TYR A 106 22.05 -23.82 -68.08
C TYR A 106 23.17 -24.62 -67.41
N GLU A 107 24.38 -24.05 -67.47
CA GLU A 107 25.57 -24.60 -66.85
C GLU A 107 26.22 -23.60 -65.88
N ASP A 108 27.22 -24.08 -65.15
CA ASP A 108 27.87 -23.34 -64.07
C ASP A 108 26.87 -22.57 -63.22
N ILE A 109 25.84 -23.29 -62.81
CA ILE A 109 24.75 -22.73 -62.07
C ILE A 109 25.21 -22.54 -60.62
N LYS A 110 24.84 -21.43 -60.04
CA LYS A 110 25.08 -21.21 -58.61
C LYS A 110 23.78 -20.75 -58.04
N ALA A 111 23.62 -20.79 -56.72
CA ALA A 111 22.33 -20.40 -56.13
C ALA A 111 22.42 -19.92 -54.74
N ARG A 112 21.41 -19.16 -54.35
CA ARG A 112 21.18 -18.71 -52.99
C ARG A 112 19.78 -19.07 -52.52
N LEU A 113 19.69 -19.54 -51.28
CA LEU A 113 18.43 -19.89 -50.68
C LEU A 113 18.43 -19.36 -49.23
N THR A 114 17.39 -18.61 -48.89
CA THR A 114 17.14 -18.17 -47.52
C THR A 114 15.82 -18.72 -46.97
N LEU A 115 15.91 -19.64 -46.03
CA LEU A 115 14.75 -20.19 -45.38
C LEU A 115 14.55 -19.57 -44.00
N TYR A 116 13.28 -19.42 -43.64
CA TYR A 116 12.87 -19.01 -42.31
C TYR A 116 12.16 -20.14 -41.54
N SER A 117 12.52 -20.31 -40.28
CA SER A 117 11.81 -21.24 -39.39
C SER A 117 11.68 -20.62 -37.98
N TYR A 118 11.08 -21.37 -37.04
CA TYR A 118 10.77 -20.83 -35.72
C TYR A 118 11.10 -21.86 -34.67
N ILE A 119 11.51 -21.39 -33.49
CA ILE A 119 11.81 -22.25 -32.36
C ILE A 119 10.53 -23.02 -31.95
N ASP A 120 10.69 -24.30 -31.66
CA ASP A 120 9.60 -25.12 -31.16
C ASP A 120 9.45 -24.80 -29.72
N LYS A 121 8.40 -24.05 -29.42
CA LYS A 121 8.13 -23.55 -28.05
C LYS A 121 7.82 -24.63 -27.02
N GLN A 122 7.48 -25.83 -27.49
CA GLN A 122 7.27 -26.98 -26.61
C GLN A 122 8.61 -27.60 -26.21
N ALA A 123 9.52 -27.70 -27.16
CA ALA A 123 10.85 -28.20 -26.86
C ALA A 123 11.68 -27.16 -26.16
N VAL A 124 11.43 -25.87 -26.39
CA VAL A 124 12.20 -24.77 -25.76
C VAL A 124 11.26 -23.78 -25.07
N PRO A 125 10.62 -24.21 -23.95
CA PRO A 125 9.64 -23.44 -23.23
C PRO A 125 10.18 -22.18 -22.59
N ASN A 126 11.46 -22.15 -22.27
CA ASN A 126 12.07 -21.02 -21.59
C ASN A 126 13.33 -20.50 -22.27
N GLU A 127 13.69 -19.27 -21.94
CA GLU A 127 14.89 -18.67 -22.45
C GLU A 127 16.10 -19.53 -22.12
N THR A 128 16.84 -19.88 -23.14
CA THR A 128 18.11 -20.56 -22.95
C THR A 128 19.03 -20.33 -24.18
N SER A 129 20.27 -20.74 -24.07
CA SER A 129 21.13 -20.78 -25.21
C SER A 129 20.97 -22.21 -25.76
N LEU A 130 21.11 -22.37 -27.08
CA LEU A 130 21.02 -23.69 -27.67
C LEU A 130 21.73 -23.80 -29.00
N ASN A 131 22.30 -24.96 -29.26
CA ASN A 131 23.02 -25.23 -30.47
C ASN A 131 22.04 -25.69 -31.54
N LEU A 132 22.05 -24.99 -32.69
CA LEU A 132 21.21 -25.33 -33.84
C LEU A 132 22.07 -25.93 -34.94
N THR A 133 21.51 -26.87 -35.68
CA THR A 133 22.26 -27.55 -36.69
C THR A 133 21.42 -27.71 -37.93
N PHE A 134 21.89 -27.11 -39.00
CA PHE A 134 21.30 -27.26 -40.29
C PHE A 134 22.29 -27.89 -41.27
N ALA A 135 21.81 -28.20 -42.47
CA ALA A 135 22.63 -28.80 -43.50
C ALA A 135 22.13 -28.37 -44.86
N THR A 136 23.06 -28.00 -45.75
CA THR A 136 22.78 -27.98 -47.20
C THR A 136 23.43 -29.19 -47.87
N ALA A 137 22.63 -30.02 -48.54
CA ALA A 137 23.13 -31.17 -49.26
C ALA A 137 23.98 -32.10 -48.39
N GLY A 138 23.57 -32.30 -47.14
CA GLY A 138 24.31 -33.18 -46.22
C GLY A 138 25.50 -32.53 -45.55
N LYS A 139 25.86 -31.30 -45.97
CA LYS A 139 26.96 -30.56 -45.38
C LYS A 139 26.45 -29.70 -44.20
N GLU A 140 26.89 -30.06 -42.99
CA GLU A 140 26.30 -29.49 -41.77
C GLU A 140 27.04 -28.28 -41.25
N THR A 141 26.28 -27.36 -40.66
CA THR A 141 26.86 -26.23 -39.96
C THR A 141 26.09 -26.09 -38.64
N SER A 142 26.70 -25.49 -37.65
CA SER A 142 26.10 -25.37 -36.32
C SER A 142 26.38 -24.02 -35.76
N GLN A 143 25.39 -23.43 -35.12
CA GLN A 143 25.53 -22.09 -34.56
C GLN A 143 24.87 -22.10 -33.18
N ASN A 144 25.51 -21.47 -32.23
CA ASN A 144 24.93 -21.30 -30.94
C ASN A 144 24.21 -19.98 -30.90
N VAL A 145 22.96 -20.00 -30.48
CA VAL A 145 22.19 -18.79 -30.38
C VAL A 145 21.59 -18.76 -29.00
N SER A 146 21.01 -17.63 -28.64
CA SER A 146 20.31 -17.50 -27.40
C SER A 146 18.84 -17.19 -27.68
N VAL A 147 17.96 -18.00 -27.11
CA VAL A 147 16.52 -17.80 -27.31
C VAL A 147 16.08 -16.76 -26.32
N ASP A 148 15.79 -15.59 -26.84
CA ASP A 148 15.22 -14.55 -26.04
C ASP A 148 13.73 -14.66 -26.28
N TYR A 149 12.97 -14.63 -25.21
CA TYR A 149 11.54 -14.45 -25.35
C TYR A 149 11.19 -13.04 -24.90
N GLN A 150 10.01 -12.60 -25.28
CA GLN A 150 9.61 -11.26 -24.99
C GLN A 150 9.37 -11.06 -23.50
N ASP A 151 9.47 -9.83 -23.07
CA ASP A 151 9.20 -9.49 -21.69
C ASP A 151 7.80 -8.95 -21.55
N PRO A 152 7.22 -9.10 -20.35
CA PRO A 152 5.92 -8.45 -20.16
C PRO A 152 6.09 -6.93 -20.24
N MET A 153 5.06 -6.23 -20.71
CA MET A 153 5.01 -4.77 -20.60
C MET A 153 4.46 -4.46 -19.23
N VAL A 154 5.15 -3.63 -18.46
CA VAL A 154 4.85 -3.43 -17.06
C VAL A 154 4.72 -1.97 -16.77
N HIS A 155 3.54 -1.52 -16.35
CA HIS A 155 3.38 -0.14 -15.87
C HIS A 155 2.70 -0.15 -14.49
N GLY A 156 3.51 0.05 -13.47
CA GLY A 156 3.04 -0.14 -12.11
C GLY A 156 2.62 -1.58 -11.96
N ASP A 157 1.44 -1.83 -11.43
CA ASP A 157 0.99 -3.21 -11.26
C ASP A 157 0.43 -3.86 -12.55
N SER A 158 0.15 -3.07 -13.57
CA SER A 158 -0.34 -3.61 -14.81
C SER A 158 0.83 -4.29 -15.47
N ASN A 159 0.73 -5.60 -15.67
CA ASN A 159 1.75 -6.33 -16.38
C ASN A 159 1.08 -7.40 -17.21
N ILE A 160 1.45 -7.46 -18.48
CA ILE A 160 0.75 -8.27 -19.47
C ILE A 160 1.66 -8.61 -20.66
N GLN A 161 1.38 -9.75 -21.28
CA GLN A 161 2.06 -10.17 -22.52
C GLN A 161 1.18 -11.16 -23.26
N SER A 162 1.42 -11.33 -24.55
CA SER A 162 0.60 -12.20 -25.38
C SER A 162 1.28 -12.55 -26.67
N ILE A 163 0.84 -13.66 -27.28
CA ILE A 163 1.27 -14.07 -28.61
C ILE A 163 0.15 -14.75 -29.36
N PHE A 164 0.32 -14.88 -30.67
CA PHE A 164 -0.47 -15.81 -31.45
C PHE A 164 0.22 -17.16 -31.37
N THR A 165 -0.55 -18.24 -31.37
CA THR A 165 -0.03 -19.59 -31.18
C THR A 165 -0.49 -20.55 -32.27
N LYS A 166 -1.57 -20.21 -32.97
CA LYS A 166 -2.19 -21.15 -33.87
C LYS A 166 -3.20 -20.50 -34.79
N LEU A 167 -2.94 -20.65 -36.08
CA LEU A 167 -3.75 -20.05 -37.11
C LEU A 167 -4.40 -21.17 -37.91
N ASP A 168 -5.71 -21.08 -38.08
CA ASP A 168 -6.48 -22.08 -38.84
C ASP A 168 -7.12 -21.39 -40.02
N GLU A 169 -6.48 -21.49 -41.18
CA GLU A 169 -6.94 -20.73 -42.34
C GLU A 169 -8.27 -21.22 -42.93
N ASN A 170 -8.62 -22.46 -42.64
CA ASN A 170 -9.86 -23.05 -43.13
C ASN A 170 -11.09 -22.55 -42.39
N LYS A 171 -10.99 -22.46 -41.07
CA LYS A 171 -12.09 -21.96 -40.27
C LYS A 171 -11.94 -20.47 -40.04
N GLN A 172 -10.84 -19.92 -40.54
CA GLN A 172 -10.53 -18.52 -40.38
C GLN A 172 -10.58 -18.05 -38.93
N THR A 173 -9.85 -18.74 -38.07
CA THR A 173 -9.66 -18.31 -36.69
C THR A 173 -8.18 -18.16 -36.35
N ILE A 174 -7.91 -17.38 -35.31
CA ILE A 174 -6.56 -17.19 -34.76
C ILE A 174 -6.58 -17.36 -33.24
N GLU A 175 -5.65 -18.16 -32.72
CA GLU A 175 -5.55 -18.36 -31.27
C GLU A 175 -4.50 -17.45 -30.64
N GLN A 176 -4.88 -16.77 -29.60
CA GLN A 176 -3.99 -15.86 -28.90
C GLN A 176 -3.96 -16.26 -27.48
N GLN A 177 -2.77 -16.30 -26.89
CA GLN A 177 -2.63 -16.58 -25.49
C GLN A 177 -2.04 -15.40 -24.75
N ILE A 178 -2.74 -14.99 -23.70
CA ILE A 178 -2.44 -13.83 -22.97
C ILE A 178 -2.09 -14.24 -21.54
N TYR A 179 -1.01 -13.67 -21.01
CA TYR A 179 -0.67 -13.82 -19.61
C TYR A 179 -1.09 -12.53 -18.92
N VAL A 180 -2.00 -12.65 -17.95
CA VAL A 180 -2.42 -11.52 -17.17
C VAL A 180 -1.69 -11.58 -15.82
N ASN A 181 -1.04 -10.48 -15.46
CA ASN A 181 -0.33 -10.35 -14.20
C ASN A 181 0.62 -11.50 -13.99
N PRO A 182 1.53 -11.74 -14.93
CA PRO A 182 2.46 -12.84 -14.77
C PRO A 182 3.52 -12.62 -13.69
N LEU A 183 3.77 -11.38 -13.31
CA LEU A 183 4.59 -11.08 -12.14
C LEU A 183 3.87 -11.34 -10.79
N LYS A 184 2.64 -11.85 -10.85
CA LYS A 184 1.86 -12.18 -9.67
C LYS A 184 1.89 -11.03 -8.68
N LYS A 185 1.64 -9.84 -9.19
CA LYS A 185 1.53 -8.71 -8.31
C LYS A 185 0.15 -8.70 -7.69
N THR A 186 0.01 -7.90 -6.65
CA THR A 186 -1.29 -7.57 -6.10
C THR A 186 -1.87 -6.43 -6.93
N ALA A 187 -2.99 -6.69 -7.60
CA ALA A 187 -3.50 -5.68 -8.48
C ALA A 187 -4.94 -5.28 -8.15
N THR A 188 -5.15 -3.98 -8.08
CA THR A 188 -6.42 -3.42 -7.68
C THR A 188 -7.25 -2.96 -8.87
N ASN A 189 -8.53 -3.28 -8.86
CA ASN A 189 -9.49 -2.92 -9.92
C ASN A 189 -9.01 -3.22 -11.35
N THR A 190 -8.51 -4.45 -11.53
CA THR A 190 -7.94 -4.89 -12.78
C THR A 190 -9.01 -5.04 -13.87
N LYS A 191 -8.88 -4.28 -14.94
CA LYS A 191 -9.71 -4.46 -16.14
C LYS A 191 -8.79 -4.93 -17.25
N VAL A 192 -9.16 -6.03 -17.91
CA VAL A 192 -8.39 -6.48 -19.05
C VAL A 192 -9.23 -6.29 -20.31
N ASP A 193 -8.69 -5.56 -21.29
CA ASP A 193 -9.35 -5.39 -22.57
C ASP A 193 -8.73 -6.29 -23.61
N ILE A 194 -9.55 -6.84 -24.50
CA ILE A 194 -9.05 -7.53 -25.71
C ILE A 194 -9.69 -6.88 -26.91
N ALA A 195 -8.87 -6.27 -27.76
CA ALA A 195 -9.36 -5.54 -28.93
C ALA A 195 -8.92 -6.18 -30.26
N GLY A 196 -9.83 -6.25 -31.22
CA GLY A 196 -9.53 -6.80 -32.54
C GLY A 196 -8.75 -5.81 -33.41
N SER A 197 -7.69 -5.25 -32.84
CA SER A 197 -6.91 -4.21 -33.50
C SER A 197 -5.56 -4.13 -32.82
N GLN A 198 -4.61 -3.55 -33.52
CA GLN A 198 -3.36 -3.17 -32.91
C GLN A 198 -3.58 -2.31 -31.69
N VAL A 199 -2.74 -2.45 -30.69
CA VAL A 199 -2.81 -1.68 -29.46
C VAL A 199 -1.39 -1.28 -29.09
N ASP A 200 -1.15 -0.05 -28.62
CA ASP A 200 0.21 0.33 -28.26
C ASP A 200 0.55 -0.19 -26.86
N ASP A 201 1.73 0.16 -26.36
CA ASP A 201 2.18 -0.33 -25.06
C ASP A 201 1.40 0.24 -23.86
N TYR A 202 0.53 1.22 -24.09
CA TYR A 202 -0.28 1.83 -23.04
C TYR A 202 -1.75 1.56 -23.28
N GLY A 203 -2.03 0.62 -24.16
CA GLY A 203 -3.38 0.20 -24.40
C GLY A 203 -4.18 1.01 -25.40
N ASN A 204 -3.62 2.08 -25.91
CA ASN A 204 -4.32 2.84 -26.94
C ASN A 204 -4.46 2.04 -28.23
N ILE A 205 -5.71 1.90 -28.66
CA ILE A 205 -6.08 1.15 -29.85
C ILE A 205 -5.76 1.96 -31.08
N LYS A 206 -5.18 1.31 -32.09
CA LYS A 206 -4.73 1.94 -33.34
C LYS A 206 -5.41 1.23 -34.52
N LEU A 207 -6.43 1.84 -35.06
CA LEU A 207 -7.25 1.20 -36.08
C LEU A 207 -6.65 1.30 -37.48
N GLY A 208 -6.95 0.30 -38.31
CA GLY A 208 -6.48 0.25 -39.69
C GLY A 208 -5.24 -0.61 -39.95
N ASN A 209 -4.57 -1.04 -38.89
CA ASN A 209 -3.31 -1.78 -39.01
C ASN A 209 -3.50 -3.26 -38.81
N GLY A 210 -4.59 -3.79 -39.34
CA GLY A 210 -4.91 -5.20 -39.13
C GLY A 210 -6.08 -5.41 -38.18
N SER A 211 -6.71 -6.57 -38.26
CA SER A 211 -7.97 -6.77 -37.56
C SER A 211 -8.33 -8.22 -37.26
N THR A 212 -9.07 -8.40 -36.17
CA THR A 212 -9.83 -9.63 -35.92
C THR A 212 -11.23 -9.22 -35.51
N ILE A 213 -12.10 -10.19 -35.28
CA ILE A 213 -13.43 -9.91 -34.79
C ILE A 213 -13.48 -10.29 -33.32
N ILE A 214 -13.80 -9.31 -32.48
CA ILE A 214 -13.97 -9.55 -31.04
C ILE A 214 -15.40 -9.24 -30.58
N ASP A 215 -16.14 -10.26 -30.14
CA ASP A 215 -17.53 -10.10 -29.74
C ASP A 215 -18.06 -11.24 -28.85
N GLN A 216 -19.37 -11.25 -28.66
CA GLN A 216 -20.09 -12.24 -27.87
C GLN A 216 -19.68 -13.67 -28.17
N ASN A 217 -19.45 -13.99 -29.43
CA ASN A 217 -19.22 -15.37 -29.83
C ASN A 217 -17.76 -15.80 -29.87
N THR A 218 -16.86 -14.83 -29.80
CA THR A 218 -15.43 -15.10 -29.67
C THR A 218 -15.19 -16.09 -28.51
N GLU A 219 -14.50 -17.19 -28.76
CA GLU A 219 -14.15 -18.11 -27.69
C GLU A 219 -13.08 -17.52 -26.78
N MET A 220 -13.32 -17.68 -25.48
CA MET A 220 -12.54 -17.01 -24.46
C MET A 220 -12.48 -17.81 -23.20
N LYS A 221 -11.38 -18.52 -22.99
CA LYS A 221 -11.20 -19.29 -21.78
C LYS A 221 -10.23 -18.59 -20.88
N VAL A 222 -10.45 -18.68 -19.57
CA VAL A 222 -9.57 -18.03 -18.60
C VAL A 222 -9.14 -19.05 -17.59
N TYR A 223 -7.86 -18.98 -17.23
CA TYR A 223 -7.29 -19.92 -16.27
C TYR A 223 -6.50 -19.20 -15.18
N LYS A 224 -6.59 -19.70 -13.96
CA LYS A 224 -5.87 -19.14 -12.85
C LYS A 224 -4.63 -19.95 -12.57
N VAL A 225 -3.55 -19.25 -12.27
CA VAL A 225 -2.24 -19.87 -12.02
C VAL A 225 -1.95 -19.82 -10.53
N ASN A 226 -1.49 -20.97 -10.04
CA ASN A 226 -1.06 -21.07 -8.64
C ASN A 226 0.23 -20.34 -8.36
N PRO A 227 0.35 -19.84 -7.10
CA PRO A 227 1.56 -19.16 -6.64
C PRO A 227 2.81 -19.96 -6.92
N ASN A 228 2.69 -21.29 -6.97
CA ASN A 228 3.87 -22.16 -7.17
C ASN A 228 4.08 -22.63 -8.62
N GLN A 229 3.26 -22.15 -9.55
CA GLN A 229 3.43 -22.53 -10.95
C GLN A 229 4.10 -21.42 -11.71
N GLN A 230 5.07 -21.76 -12.54
CA GLN A 230 5.75 -20.74 -13.31
C GLN A 230 5.34 -20.91 -14.74
N LEU A 231 4.99 -19.81 -15.40
CA LEU A 231 4.58 -19.86 -16.80
C LEU A 231 5.79 -19.96 -17.76
N PRO A 232 5.73 -20.83 -18.78
CA PRO A 232 6.71 -20.84 -19.87
C PRO A 232 6.98 -19.45 -20.45
N GLN A 233 8.24 -19.05 -20.50
CA GLN A 233 8.60 -17.74 -20.99
C GLN A 233 8.29 -17.61 -22.48
N SER A 234 8.24 -18.74 -23.17
CA SER A 234 7.78 -18.78 -24.55
C SER A 234 6.41 -18.16 -24.78
N ASN A 235 5.63 -18.00 -23.73
CA ASN A 235 4.28 -17.43 -23.76
C ASN A 235 3.28 -18.43 -24.33
N ARG A 236 3.71 -19.67 -24.50
CA ARG A 236 2.81 -20.65 -25.10
C ARG A 236 2.59 -21.86 -24.24
N ILE A 237 1.31 -22.07 -23.88
CA ILE A 237 0.86 -23.19 -23.05
C ILE A 237 0.38 -24.34 -23.89
N TYR A 238 0.89 -25.54 -23.60
CA TYR A 238 0.57 -26.75 -24.38
C TYR A 238 -0.34 -27.69 -23.61
N ASP A 239 -0.44 -27.49 -22.29
CA ASP A 239 -1.28 -28.34 -21.43
C ASP A 239 -2.07 -27.52 -20.41
N PHE A 240 -3.30 -27.14 -20.78
CA PHE A 240 -4.17 -26.39 -19.88
C PHE A 240 -4.83 -27.16 -18.73
N SER A 241 -4.74 -28.50 -18.79
CA SER A 241 -5.29 -29.37 -17.74
C SER A 241 -4.68 -29.06 -16.39
N GLN A 242 -3.41 -28.70 -16.39
CA GLN A 242 -2.68 -28.43 -15.16
C GLN A 242 -3.09 -27.09 -14.54
N TYR A 243 -3.95 -26.33 -15.21
CA TYR A 243 -4.40 -25.05 -14.67
C TYR A 243 -5.88 -25.08 -14.29
N GLU A 244 -6.20 -24.25 -13.33
CA GLU A 244 -7.55 -24.08 -12.82
C GLU A 244 -8.36 -23.29 -13.83
N ASP A 245 -9.39 -23.90 -14.39
CA ASP A 245 -10.21 -23.26 -15.39
C ASP A 245 -11.33 -22.45 -14.74
N VAL A 246 -11.23 -21.12 -14.88
CA VAL A 246 -12.15 -20.21 -14.19
C VAL A 246 -13.05 -19.47 -15.16
N THR A 247 -13.19 -20.02 -16.35
CA THR A 247 -13.97 -19.37 -17.39
C THR A 247 -15.36 -18.92 -16.94
N SER A 248 -16.12 -19.84 -16.38
CA SER A 248 -17.53 -19.59 -16.02
C SER A 248 -17.67 -18.46 -15.00
N GLN A 249 -16.66 -18.25 -14.18
CA GLN A 249 -16.66 -17.08 -13.28
C GLN A 249 -16.60 -15.75 -14.01
N PHE A 250 -16.25 -15.76 -15.30
CA PHE A 250 -16.32 -14.49 -16.06
C PHE A 250 -17.60 -14.35 -16.86
N ASP A 251 -18.56 -15.22 -16.63
CA ASP A 251 -19.81 -15.17 -17.40
C ASP A 251 -20.52 -13.87 -17.26
N ASN A 252 -20.41 -13.26 -16.09
CA ASN A 252 -21.07 -12.01 -15.80
C ASN A 252 -20.05 -10.93 -15.49
N LYS A 253 -18.85 -11.07 -16.07
CA LYS A 253 -17.84 -10.01 -15.99
C LYS A 253 -17.22 -9.71 -17.35
N LYS A 254 -18.02 -9.87 -18.40
CA LYS A 254 -17.61 -9.68 -19.79
C LYS A 254 -18.52 -8.66 -20.45
N SER A 255 -17.97 -7.64 -21.09
CA SER A 255 -18.81 -6.73 -21.89
C SER A 255 -18.17 -6.41 -23.23
N PHE A 256 -19.00 -6.17 -24.24
CA PHE A 256 -18.53 -5.96 -25.59
C PHE A 256 -19.00 -4.62 -26.14
N SER A 257 -18.07 -3.87 -26.71
CA SER A 257 -18.39 -2.58 -27.34
C SER A 257 -17.38 -2.32 -28.44
N ASN A 258 -17.90 -2.20 -29.66
CA ASN A 258 -17.10 -1.83 -30.80
C ASN A 258 -15.83 -2.65 -30.96
N ASN A 259 -15.98 -3.98 -31.08
CA ASN A 259 -14.88 -4.87 -31.38
C ASN A 259 -13.83 -4.88 -30.28
N VAL A 260 -14.26 -4.57 -29.05
CA VAL A 260 -13.42 -4.67 -27.84
C VAL A 260 -14.11 -5.45 -26.71
N ALA A 261 -13.42 -6.42 -26.13
CA ALA A 261 -13.95 -7.11 -24.94
C ALA A 261 -13.29 -6.58 -23.68
N THR A 262 -14.12 -6.42 -22.65
CA THR A 262 -13.68 -5.97 -21.34
C THR A 262 -14.00 -7.07 -20.31
N LEU A 263 -12.97 -7.54 -19.62
CA LEU A 263 -13.08 -8.51 -18.56
C LEU A 263 -12.81 -7.81 -17.24
N ASP A 264 -13.77 -7.89 -16.32
CA ASP A 264 -13.65 -7.32 -15.01
C ASP A 264 -12.97 -8.32 -14.10
N PHE A 265 -11.66 -8.17 -13.90
CA PHE A 265 -10.89 -9.07 -13.05
C PHE A 265 -10.96 -8.63 -11.58
N GLY A 266 -11.23 -7.37 -11.32
CA GLY A 266 -11.26 -6.87 -9.94
C GLY A 266 -9.91 -6.94 -9.25
N ASP A 267 -9.93 -7.09 -7.93
CA ASP A 267 -8.71 -7.20 -7.13
C ASP A 267 -8.14 -8.58 -7.17
N ILE A 268 -6.87 -8.70 -7.49
CA ILE A 268 -6.26 -10.00 -7.74
C ILE A 268 -4.85 -10.04 -7.22
N ASN A 269 -4.36 -11.24 -7.03
CA ASN A 269 -2.98 -11.47 -6.52
C ASN A 269 -2.32 -12.66 -7.20
N SER A 270 -2.92 -13.12 -8.27
CA SER A 270 -2.42 -14.24 -9.03
C SER A 270 -2.26 -13.85 -10.50
N ALA A 271 -1.58 -14.74 -11.21
CA ALA A 271 -1.49 -14.69 -12.65
C ALA A 271 -2.68 -15.43 -13.19
N TYR A 272 -3.04 -15.07 -14.42
CA TYR A 272 -4.08 -15.75 -15.17
C TYR A 272 -3.60 -15.91 -16.60
N ILE A 273 -4.15 -16.90 -17.28
CA ILE A 273 -3.95 -17.09 -18.70
C ILE A 273 -5.29 -16.90 -19.41
N ILE A 274 -5.33 -16.10 -20.48
CA ILE A 274 -6.50 -16.06 -21.34
C ILE A 274 -6.21 -16.71 -22.69
N LYS A 275 -7.08 -17.64 -23.09
CA LYS A 275 -7.05 -18.19 -24.42
C LYS A 275 -8.18 -17.63 -25.24
N VAL A 276 -7.82 -17.01 -26.36
CA VAL A 276 -8.78 -16.42 -27.24
C VAL A 276 -8.68 -17.05 -28.59
N VAL A 277 -9.81 -17.50 -29.08
CA VAL A 277 -9.92 -17.96 -30.46
C VAL A 277 -10.91 -17.04 -31.16
N SER A 278 -10.40 -16.24 -32.08
CA SER A 278 -11.24 -15.23 -32.72
C SER A 278 -11.25 -15.42 -34.21
N LYS A 279 -12.26 -14.83 -34.85
CA LYS A 279 -12.39 -14.93 -36.29
C LYS A 279 -11.72 -13.74 -37.02
N TYR A 280 -11.23 -14.00 -38.22
CA TYR A 280 -10.68 -12.93 -39.05
C TYR A 280 -11.31 -12.94 -40.44
N THR A 281 -11.03 -11.89 -41.19
CA THR A 281 -11.46 -11.75 -42.58
C THR A 281 -10.22 -11.43 -43.44
N PRO A 282 -9.86 -12.33 -44.39
CA PRO A 282 -8.69 -12.08 -45.28
C PRO A 282 -8.94 -10.92 -46.22
N THR A 283 -7.87 -10.35 -46.77
CA THR A 283 -8.04 -9.19 -47.67
C THR A 283 -8.71 -9.68 -48.95
N SER A 284 -9.02 -8.76 -49.87
CA SER A 284 -9.58 -9.14 -51.18
C SER A 284 -8.60 -10.00 -51.99
N ASP A 285 -7.32 -9.61 -52.01
CA ASP A 285 -6.30 -10.40 -52.73
C ASP A 285 -5.90 -11.73 -52.05
N GLY A 286 -6.57 -12.09 -50.95
CA GLY A 286 -6.40 -13.39 -50.31
C GLY A 286 -5.34 -13.44 -49.21
N GLU A 287 -4.69 -12.31 -48.96
CA GLU A 287 -3.62 -12.27 -48.00
C GLU A 287 -4.18 -12.14 -46.57
N LEU A 288 -3.28 -12.03 -45.59
CA LEU A 288 -3.66 -11.91 -44.18
C LEU A 288 -3.25 -10.57 -43.63
N ASP A 289 -4.10 -10.05 -42.75
CA ASP A 289 -3.86 -8.76 -42.15
C ASP A 289 -4.48 -8.78 -40.77
N ILE A 290 -3.96 -9.71 -39.97
CA ILE A 290 -4.45 -9.94 -38.65
C ILE A 290 -3.69 -9.16 -37.58
N ALA A 291 -4.43 -8.42 -36.77
CA ALA A 291 -3.84 -7.79 -35.58
C ALA A 291 -4.84 -7.77 -34.45
N GLN A 292 -4.36 -8.11 -33.26
CA GLN A 292 -5.17 -8.26 -32.07
C GLN A 292 -4.31 -7.89 -30.85
N GLY A 293 -4.90 -7.17 -29.93
CA GLY A 293 -4.17 -6.63 -28.81
C GLY A 293 -4.94 -6.67 -27.51
N THR A 294 -4.20 -6.50 -26.45
CA THR A 294 -4.77 -6.65 -25.11
C THR A 294 -4.19 -5.60 -24.24
N SER A 295 -4.94 -5.22 -23.19
CA SER A 295 -4.39 -4.30 -22.17
C SER A 295 -4.88 -4.58 -20.77
N MET A 296 -4.04 -4.25 -19.79
CA MET A 296 -4.38 -4.40 -18.39
C MET A 296 -4.38 -3.01 -17.75
N ARG A 297 -5.46 -2.71 -17.02
CA ARG A 297 -5.59 -1.48 -16.28
C ARG A 297 -5.73 -1.84 -14.80
N THR A 298 -4.89 -1.23 -13.97
CA THR A 298 -4.97 -1.31 -12.53
C THR A 298 -4.94 0.09 -11.90
N THR A 299 -5.28 0.15 -10.64
CA THR A 299 -5.29 1.41 -9.90
C THR A 299 -4.23 1.32 -8.81
N ASP A 300 -3.29 2.29 -8.78
CA ASP A 300 -2.18 2.30 -7.83
C ASP A 300 -2.57 2.87 -6.43
N LYS A 301 -1.66 2.77 -5.48
CA LYS A 301 -1.94 3.14 -4.10
C LYS A 301 -2.46 4.56 -3.97
N TYR A 302 -2.17 5.45 -4.92
CA TYR A 302 -2.67 6.83 -4.87
C TYR A 302 -3.89 7.07 -5.75
N GLY A 303 -4.50 6.02 -6.27
CA GLY A 303 -5.72 6.19 -7.10
C GLY A 303 -5.56 6.53 -8.61
N TYR A 304 -4.33 6.54 -9.15
CA TYR A 304 -4.14 6.74 -10.59
C TYR A 304 -4.23 5.43 -11.34
N TYR A 305 -4.79 5.49 -12.55
CA TYR A 305 -4.79 4.37 -13.50
C TYR A 305 -3.42 4.17 -14.10
N ASN A 306 -2.97 2.93 -14.17
CA ASN A 306 -1.81 2.52 -14.98
C ASN A 306 -2.23 1.48 -16.02
N TYR A 307 -1.72 1.65 -17.22
CA TYR A 307 -2.19 0.91 -18.40
C TYR A 307 -0.98 0.22 -19.03
N ALA A 308 -1.13 -1.07 -19.30
CA ALA A 308 -0.13 -1.86 -19.99
C ALA A 308 -0.77 -2.57 -21.18
N GLY A 309 -0.13 -2.45 -22.34
CA GLY A 309 -0.69 -3.00 -23.60
C GLY A 309 0.26 -3.97 -24.30
N TYR A 310 -0.30 -4.78 -25.15
CA TYR A 310 0.46 -5.75 -25.88
C TYR A 310 -0.29 -6.07 -27.16
N SER A 311 0.45 -6.36 -28.22
CA SER A 311 -0.17 -6.45 -29.55
C SER A 311 0.50 -7.46 -30.41
N ASN A 312 -0.27 -8.30 -31.07
CA ASN A 312 0.30 -9.31 -31.98
C ASN A 312 -0.17 -9.05 -33.40
N PHE A 313 0.50 -9.61 -34.39
CA PHE A 313 0.05 -9.45 -35.77
C PHE A 313 0.55 -10.53 -36.69
N ILE A 314 -0.22 -10.77 -37.75
CA ILE A 314 0.21 -11.58 -38.89
C ILE A 314 -0.23 -10.89 -40.19
N VAL A 315 0.78 -10.52 -40.97
CA VAL A 315 0.59 -9.84 -42.25
C VAL A 315 1.44 -10.49 -43.34
N THR A 316 0.78 -11.08 -44.34
CA THR A 316 1.48 -11.84 -45.36
C THR A 316 1.58 -11.09 -46.68
N SER A 317 2.21 -11.70 -47.68
CA SER A 317 2.40 -11.06 -48.98
C SER A 317 2.51 -12.10 -50.10
N SER B 3 8.14 35.08 -7.71
CA SER B 3 7.91 33.75 -8.28
C SER B 3 7.47 32.65 -7.22
N ASN B 4 7.48 32.98 -5.92
CA ASN B 4 6.76 32.19 -4.88
C ASN B 4 7.16 30.71 -4.80
N ASN B 5 8.46 30.44 -4.69
CA ASN B 5 8.91 29.07 -4.69
C ASN B 5 8.54 28.33 -3.42
N VAL B 6 7.95 27.15 -3.59
CA VAL B 6 7.59 26.28 -2.48
C VAL B 6 8.21 24.87 -2.56
N ASN B 7 9.41 24.79 -3.12
CA ASN B 7 10.14 23.52 -3.20
C ASN B 7 10.19 22.75 -1.88
N ASP B 8 10.50 23.48 -0.80
CA ASP B 8 10.51 23.01 0.61
C ASP B 8 9.27 22.24 1.12
N LEU B 9 8.11 22.52 0.53
CA LEU B 9 6.85 21.93 0.94
C LEU B 9 6.47 20.81 0.00
N ILE B 10 7.42 20.38 -0.85
CA ILE B 10 7.18 19.25 -1.74
C ILE B 10 7.96 18.09 -1.22
N THR B 11 7.28 17.06 -0.81
CA THR B 11 7.90 15.86 -0.37
C THR B 11 8.07 14.84 -1.42
N VAL B 12 9.30 14.51 -1.73
CA VAL B 12 9.56 13.64 -2.88
C VAL B 12 9.61 12.18 -2.44
N THR B 13 8.78 11.35 -3.05
CA THR B 13 8.56 9.98 -2.59
C THR B 13 9.25 8.98 -3.54
N LYS B 14 9.44 9.40 -4.78
CA LYS B 14 10.05 8.53 -5.75
C LYS B 14 10.64 9.33 -6.87
N GLN B 15 11.88 9.05 -7.22
CA GLN B 15 12.49 9.61 -8.41
C GLN B 15 13.46 8.61 -8.98
N THR B 16 13.10 8.01 -10.12
CA THR B 16 14.00 7.11 -10.81
C THR B 16 14.39 7.63 -12.20
N ILE B 17 15.60 7.31 -12.60
CA ILE B 17 16.13 7.70 -13.89
C ILE B 17 16.43 6.39 -14.61
N LYS B 18 15.94 6.24 -15.83
CA LYS B 18 16.36 5.08 -16.63
C LYS B 18 16.25 5.35 -18.10
N VAL B 19 16.92 4.49 -18.87
CA VAL B 19 16.89 4.52 -20.32
C VAL B 19 15.65 3.72 -20.71
N GLY B 20 14.78 4.29 -21.53
CA GLY B 20 13.64 3.55 -22.09
C GLY B 20 13.61 3.66 -23.61
N ASP B 21 12.52 3.22 -24.20
CA ASP B 21 12.34 3.25 -25.65
C ASP B 21 11.50 4.45 -25.99
N GLY B 22 11.94 5.18 -27.00
CA GLY B 22 11.23 6.39 -27.43
C GLY B 22 9.78 6.18 -27.85
N LYS B 23 9.45 4.96 -28.22
CA LYS B 23 8.08 4.65 -28.63
C LYS B 23 7.11 4.73 -27.44
N ASP B 24 7.65 4.62 -26.24
CA ASP B 24 6.85 4.69 -25.06
C ASP B 24 6.52 6.09 -24.56
N ASN B 25 7.04 7.11 -25.24
CA ASN B 25 6.61 8.48 -24.99
C ASN B 25 5.42 8.74 -25.90
N VAL B 26 4.25 8.34 -25.45
CA VAL B 26 3.02 8.39 -26.25
C VAL B 26 2.73 9.78 -26.77
N ALA B 27 3.04 10.80 -25.96
CA ALA B 27 2.85 12.20 -26.38
C ALA B 27 3.66 12.53 -27.62
N ALA B 28 4.80 11.86 -27.77
CA ALA B 28 5.65 12.07 -28.91
C ALA B 28 6.55 10.90 -29.10
N ALA B 29 6.01 9.84 -29.69
CA ALA B 29 6.76 8.63 -29.96
C ALA B 29 7.84 8.82 -31.07
N HIS B 30 9.01 8.25 -30.81
CA HIS B 30 10.09 8.29 -31.74
C HIS B 30 10.93 7.04 -31.66
N ASP B 31 11.63 6.73 -32.75
CA ASP B 31 12.55 5.61 -32.80
C ASP B 31 13.74 5.86 -31.88
N GLY B 32 14.45 4.79 -31.54
CA GLY B 32 15.62 4.90 -30.71
C GLY B 32 15.26 5.04 -29.23
N LYS B 33 16.25 5.29 -28.42
CA LYS B 33 16.15 5.32 -26.99
C LYS B 33 16.00 6.70 -26.41
N ASP B 34 15.54 6.78 -25.19
CA ASP B 34 15.46 8.07 -24.50
C ASP B 34 15.76 7.84 -23.03
N ILE B 35 15.65 8.92 -22.27
CA ILE B 35 15.83 8.86 -20.82
C ILE B 35 14.47 9.17 -20.21
N GLU B 36 14.14 8.39 -19.18
CA GLU B 36 12.87 8.53 -18.48
C GLU B 36 13.13 8.92 -17.05
N TYR B 37 12.50 10.00 -16.61
CA TYR B 37 12.54 10.40 -15.22
C TYR B 37 11.12 10.31 -14.70
N ASP B 38 10.89 9.28 -13.88
CA ASP B 38 9.62 9.04 -13.17
C ASP B 38 9.70 9.59 -11.71
N THR B 39 8.85 10.54 -11.37
CA THR B 39 8.86 11.09 -10.01
C THR B 39 7.48 11.14 -9.41
N GLU B 40 7.39 10.88 -8.11
CA GLU B 40 6.14 10.98 -7.36
C GLU B 40 6.39 11.80 -6.13
N PHE B 41 5.39 12.61 -5.71
CA PHE B 41 5.58 13.53 -4.62
C PHE B 41 4.28 13.98 -3.98
N THR B 42 4.37 14.47 -2.75
CA THR B 42 3.17 14.97 -2.10
C THR B 42 3.33 16.43 -1.92
N ILE B 43 2.24 17.16 -2.12
CA ILE B 43 2.23 18.61 -1.98
C ILE B 43 1.71 18.99 -0.60
N ASP B 44 2.48 19.77 0.15
CA ASP B 44 1.98 20.21 1.44
C ASP B 44 0.67 21.02 1.31
N ASN B 45 -0.17 20.94 2.32
CA ASN B 45 -1.49 21.59 2.30
C ASN B 45 -1.42 23.11 2.31
N LYS B 46 -0.30 23.67 2.76
CA LYS B 46 -0.06 25.09 2.72
C LYS B 46 0.18 25.67 1.31
N VAL B 47 0.51 24.81 0.36
CA VAL B 47 0.75 25.27 -1.02
C VAL B 47 -0.55 25.76 -1.61
N LYS B 48 -0.52 26.95 -2.18
CA LYS B 48 -1.73 27.62 -2.67
C LYS B 48 -1.55 27.97 -4.17
N LYS B 49 -2.65 28.40 -4.80
CA LYS B 49 -2.61 28.78 -6.22
C LYS B 49 -1.57 29.82 -6.47
N GLY B 50 -0.87 29.68 -7.60
CA GLY B 50 0.17 30.63 -7.97
C GLY B 50 1.53 30.33 -7.37
N ASP B 51 1.63 29.40 -6.42
CA ASP B 51 2.93 28.95 -5.92
C ASP B 51 3.66 28.13 -7.01
N THR B 52 4.97 28.02 -6.90
CA THR B 52 5.72 27.30 -7.90
C THR B 52 6.64 26.28 -7.31
N MET B 53 6.93 25.26 -8.10
CA MET B 53 7.98 24.27 -7.80
C MET B 53 8.76 24.03 -9.09
N THR B 54 9.94 23.44 -8.96
CA THR B 54 10.77 23.20 -10.10
C THR B 54 11.09 21.71 -10.31
N ILE B 55 11.44 21.36 -11.54
CA ILE B 55 12.02 20.05 -11.86
C ILE B 55 13.24 20.30 -12.73
N ASN B 56 14.36 19.67 -12.37
CA ASN B 56 15.63 19.78 -13.09
C ASN B 56 15.98 18.55 -13.92
N TYR B 57 16.24 18.79 -15.21
CA TYR B 57 16.78 17.75 -16.09
C TYR B 57 18.29 17.67 -15.91
N ASP B 58 18.90 16.57 -16.32
CA ASP B 58 20.35 16.52 -16.37
C ASP B 58 20.86 17.47 -17.44
N LYS B 59 22.05 18.04 -17.18
CA LYS B 59 22.71 19.01 -18.02
C LYS B 59 22.94 18.49 -19.48
N ASN B 60 23.10 17.18 -19.60
CA ASN B 60 23.31 16.58 -20.88
C ASN B 60 22.08 16.09 -21.58
N VAL B 61 20.87 16.37 -21.08
CA VAL B 61 19.69 16.00 -21.86
C VAL B 61 18.88 17.20 -22.30
N ILE B 62 18.03 17.00 -23.31
CA ILE B 62 17.09 17.98 -23.83
C ILE B 62 15.73 17.29 -23.96
N PRO B 63 14.65 18.03 -23.76
CA PRO B 63 13.34 17.41 -23.88
C PRO B 63 13.07 16.85 -25.29
N SER B 64 13.46 17.59 -26.31
CA SER B 64 13.44 17.10 -27.67
C SER B 64 14.69 17.49 -28.41
N ASP B 65 15.35 16.54 -29.04
CA ASP B 65 16.54 16.88 -29.80
C ASP B 65 16.21 17.27 -31.24
N LEU B 66 14.92 17.21 -31.61
CA LEU B 66 14.48 17.62 -32.93
C LEU B 66 14.16 19.11 -32.98
N THR B 67 13.72 19.63 -31.85
CA THR B 67 13.24 21.00 -31.77
C THR B 67 13.45 21.49 -30.35
N ASP B 68 13.45 22.79 -30.15
CA ASP B 68 13.48 23.27 -28.78
C ASP B 68 12.32 24.19 -28.50
N LYS B 69 11.20 23.97 -29.16
CA LYS B 69 9.95 24.39 -28.57
C LYS B 69 9.58 23.27 -27.61
N ASN B 70 9.71 23.52 -26.31
CA ASN B 70 9.18 22.58 -25.35
C ASN B 70 8.08 23.23 -24.54
N ASP B 71 6.86 22.66 -24.62
CA ASP B 71 5.81 22.96 -23.67
C ASP B 71 5.74 21.75 -22.76
N PRO B 72 6.25 21.88 -21.52
CA PRO B 72 6.16 20.85 -20.50
C PRO B 72 4.72 20.37 -20.34
N ILE B 73 4.57 19.12 -20.00
CA ILE B 73 3.26 18.53 -19.76
C ILE B 73 2.69 19.01 -18.44
N ASP B 74 1.38 19.06 -18.36
CA ASP B 74 0.74 19.43 -17.13
C ASP B 74 0.93 18.29 -16.10
N ILE B 75 0.94 18.66 -14.82
CA ILE B 75 0.76 17.70 -13.73
C ILE B 75 -0.72 17.57 -13.51
N THR B 76 -1.22 16.35 -13.59
CA THR B 76 -2.66 16.07 -13.58
C THR B 76 -3.04 14.98 -12.57
N ASP B 77 -4.24 15.12 -12.01
CA ASP B 77 -4.69 14.20 -10.95
C ASP B 77 -5.26 12.93 -11.56
N PRO B 78 -5.65 11.93 -10.75
CA PRO B 78 -6.25 10.70 -11.31
C PRO B 78 -7.35 10.88 -12.35
N SER B 79 -8.10 11.95 -12.27
CA SER B 79 -9.20 12.25 -13.21
C SER B 79 -8.88 13.16 -14.39
N GLY B 80 -7.64 13.65 -14.49
CA GLY B 80 -7.24 14.53 -15.59
C GLY B 80 -7.36 15.99 -15.21
N GLU B 81 -7.61 16.25 -13.92
CA GLU B 81 -7.67 17.61 -13.42
C GLU B 81 -6.28 18.24 -13.36
N VAL B 82 -6.15 19.45 -13.90
CA VAL B 82 -4.87 20.16 -13.91
C VAL B 82 -4.40 20.67 -12.51
N ILE B 83 -3.36 20.00 -11.97
CA ILE B 83 -2.74 20.36 -10.69
C ILE B 83 -1.78 21.53 -10.85
N ALA B 84 -0.96 21.50 -11.90
CA ALA B 84 -0.04 22.59 -12.21
C ALA B 84 0.34 22.65 -13.69
N LYS B 85 0.76 23.82 -14.15
CA LYS B 85 1.22 24.05 -15.51
C LYS B 85 2.68 24.55 -15.52
N GLY B 86 3.41 24.16 -16.55
CA GLY B 86 4.85 24.36 -16.54
C GLY B 86 5.38 25.12 -17.73
N THR B 87 6.56 25.70 -17.54
CA THR B 87 7.30 26.34 -18.60
C THR B 87 8.74 25.82 -18.48
N PHE B 88 9.40 25.61 -19.61
CA PHE B 88 10.72 25.08 -19.63
C PHE B 88 11.75 26.17 -19.93
N ASP B 89 12.86 26.14 -19.22
CA ASP B 89 13.96 27.11 -19.34
C ASP B 89 15.23 26.41 -19.84
N LYS B 90 15.50 26.51 -21.14
CA LYS B 90 16.63 25.81 -21.77
C LYS B 90 17.96 26.14 -21.07
N ALA B 91 18.10 27.36 -20.59
CA ALA B 91 19.33 27.83 -19.92
C ALA B 91 19.73 26.97 -18.76
N THR B 92 18.80 26.73 -17.85
CA THR B 92 19.05 25.96 -16.62
C THR B 92 18.53 24.52 -16.71
N LYS B 93 18.01 24.17 -17.88
CA LYS B 93 17.34 22.90 -18.08
C LYS B 93 16.37 22.57 -16.88
N GLN B 94 15.37 23.45 -16.73
CA GLN B 94 14.49 23.42 -15.57
C GLN B 94 13.10 23.79 -15.96
N ILE B 95 12.16 22.98 -15.51
CA ILE B 95 10.76 23.29 -15.70
C ILE B 95 10.33 24.03 -14.47
N THR B 96 9.54 25.07 -14.66
CA THR B 96 8.86 25.73 -13.54
C THR B 96 7.35 25.42 -13.57
N TYR B 97 6.85 24.75 -12.53
CA TYR B 97 5.45 24.45 -12.37
C TYR B 97 4.73 25.42 -11.43
N THR B 98 3.63 26.01 -11.92
CA THR B 98 2.79 26.90 -11.15
C THR B 98 1.46 26.20 -10.85
N PHE B 99 1.09 26.18 -9.57
CA PHE B 99 -0.10 25.47 -9.17
C PHE B 99 -1.36 26.25 -9.50
N THR B 100 -2.40 25.51 -9.84
CA THR B 100 -3.70 26.03 -10.15
C THR B 100 -4.52 26.03 -8.87
N ASP B 101 -5.80 26.34 -8.97
CA ASP B 101 -6.63 26.42 -7.77
C ASP B 101 -6.92 25.02 -7.25
N TYR B 102 -6.44 24.01 -7.97
CA TYR B 102 -6.58 22.62 -7.54
C TYR B 102 -6.00 22.37 -6.15
N VAL B 103 -4.85 22.98 -5.86
CA VAL B 103 -4.22 22.85 -4.53
C VAL B 103 -5.01 23.51 -3.38
N ASP B 104 -5.89 24.45 -3.72
CA ASP B 104 -6.76 25.14 -2.78
C ASP B 104 -8.03 24.33 -2.50
N LYS B 105 -8.41 23.40 -3.39
CA LYS B 105 -9.66 22.64 -3.27
C LYS B 105 -9.44 21.34 -2.54
N TYR B 106 -8.28 20.69 -2.71
CA TYR B 106 -8.05 19.44 -2.02
C TYR B 106 -6.82 19.48 -1.15
N GLU B 107 -6.70 18.42 -0.35
CA GLU B 107 -5.58 18.25 0.55
C GLU B 107 -4.92 16.87 0.43
N ASP B 108 -3.80 16.70 1.11
CA ASP B 108 -3.02 15.48 1.03
C ASP B 108 -2.74 15.06 -0.42
N ILE B 109 -2.36 16.03 -1.26
CA ILE B 109 -2.28 15.80 -2.70
C ILE B 109 -1.06 14.96 -3.06
N LYS B 110 -1.32 13.85 -3.73
CA LYS B 110 -0.30 12.91 -4.18
C LYS B 110 -0.15 13.12 -5.66
N ALA B 111 1.04 13.51 -6.10
CA ALA B 111 1.28 13.83 -7.51
C ALA B 111 2.36 12.97 -8.19
N ARG B 112 2.28 12.85 -9.51
CA ARG B 112 3.27 12.13 -10.27
C ARG B 112 3.62 12.80 -11.58
N LEU B 113 4.74 12.37 -12.14
CA LEU B 113 5.24 12.96 -13.35
C LEU B 113 6.29 12.07 -13.98
N THR B 114 6.10 11.74 -15.25
CA THR B 114 7.13 11.12 -16.04
C THR B 114 7.60 12.10 -17.10
N LEU B 115 8.87 12.41 -17.11
CA LEU B 115 9.46 13.22 -18.17
C LEU B 115 10.40 12.43 -19.05
N TYR B 116 10.36 12.72 -20.34
CA TYR B 116 11.16 12.09 -21.36
C TYR B 116 12.14 13.10 -21.91
N SER B 117 13.34 12.63 -22.21
CA SER B 117 14.41 13.47 -22.75
C SER B 117 15.45 12.65 -23.53
N TYR B 118 16.26 13.36 -24.30
CA TYR B 118 17.24 12.74 -25.17
C TYR B 118 18.65 13.20 -24.75
N ILE B 119 19.61 12.30 -24.91
CA ILE B 119 20.98 12.68 -24.73
C ILE B 119 21.34 13.73 -25.79
N ASP B 120 22.07 14.78 -25.38
CA ASP B 120 22.52 15.80 -26.34
C ASP B 120 23.62 15.18 -27.18
N LYS B 121 23.30 14.90 -28.43
CA LYS B 121 24.22 14.23 -29.36
C LYS B 121 25.45 15.05 -29.76
N GLN B 122 25.45 16.33 -29.45
CA GLN B 122 26.67 17.16 -29.66
C GLN B 122 27.60 17.08 -28.43
N ALA B 123 27.02 17.07 -27.22
CA ALA B 123 27.83 16.92 -25.98
C ALA B 123 28.28 15.49 -25.81
N VAL B 124 27.56 14.56 -26.42
CA VAL B 124 27.90 13.15 -26.36
C VAL B 124 27.79 12.60 -27.80
N PRO B 125 28.83 12.84 -28.64
CA PRO B 125 28.78 12.32 -30.00
C PRO B 125 28.90 10.78 -30.09
N ASN B 126 29.59 10.17 -29.11
CA ASN B 126 29.86 8.72 -29.15
C ASN B 126 29.44 7.95 -27.91
N GLU B 127 29.22 6.65 -28.10
CA GLU B 127 28.80 5.77 -27.02
C GLU B 127 29.69 5.94 -25.80
N THR B 128 29.08 5.79 -24.62
CA THR B 128 29.79 5.89 -23.34
C THR B 128 28.85 5.64 -22.17
N SER B 129 29.38 5.65 -20.97
CA SER B 129 28.55 5.67 -19.80
C SER B 129 28.72 7.02 -19.10
N LEU B 130 27.64 7.52 -18.52
CA LEU B 130 27.72 8.75 -17.77
C LEU B 130 26.68 8.82 -16.69
N ASN B 131 26.92 9.76 -15.78
CA ASN B 131 26.12 9.95 -14.62
C ASN B 131 25.14 11.08 -14.75
N LEU B 132 23.89 10.73 -14.96
CA LEU B 132 22.83 11.71 -14.97
C LEU B 132 22.39 12.09 -13.56
N THR B 133 22.15 13.37 -13.34
CA THR B 133 21.55 13.85 -12.10
C THR B 133 20.29 14.63 -12.44
N PHE B 134 19.15 14.22 -11.86
CA PHE B 134 17.87 14.94 -11.99
C PHE B 134 17.42 15.41 -10.62
N ALA B 135 16.45 16.32 -10.62
CA ALA B 135 15.86 16.77 -9.36
C ALA B 135 14.39 17.05 -9.43
N THR B 136 13.69 16.74 -8.33
CA THR B 136 12.35 17.18 -8.11
C THR B 136 12.33 18.17 -6.91
N ALA B 137 11.92 19.41 -7.18
CA ALA B 137 11.82 20.43 -6.10
C ALA B 137 13.13 20.58 -5.32
N GLY B 138 14.23 20.52 -6.05
CA GLY B 138 15.55 20.65 -5.50
C GLY B 138 16.15 19.40 -4.88
N LYS B 139 15.39 18.31 -4.81
CA LYS B 139 15.90 17.06 -4.26
C LYS B 139 16.50 16.23 -5.40
N GLU B 140 17.82 16.11 -5.39
CA GLU B 140 18.58 15.51 -6.46
C GLU B 140 18.74 14.00 -6.30
N THR B 141 18.81 13.31 -7.42
CA THR B 141 19.09 11.91 -7.48
C THR B 141 19.97 11.66 -8.75
N SER B 142 20.87 10.68 -8.66
CA SER B 142 21.82 10.43 -9.74
C SER B 142 21.75 9.01 -10.19
N GLN B 143 22.20 8.74 -11.42
CA GLN B 143 22.04 7.40 -11.99
C GLN B 143 22.96 7.20 -13.16
N ASN B 144 23.85 6.20 -13.04
CA ASN B 144 24.74 5.81 -14.13
C ASN B 144 23.97 5.12 -15.25
N VAL B 145 24.14 5.58 -16.47
CA VAL B 145 23.47 4.99 -17.62
C VAL B 145 24.50 4.76 -18.72
N SER B 146 24.19 3.83 -19.60
CA SER B 146 25.04 3.59 -20.77
CA SER B 146 25.03 3.56 -20.77
C SER B 146 24.36 4.16 -22.00
N VAL B 147 25.07 5.04 -22.71
CA VAL B 147 24.58 5.61 -23.97
C VAL B 147 24.93 4.69 -25.13
N ASP B 148 24.01 3.81 -25.46
CA ASP B 148 24.14 2.89 -26.56
C ASP B 148 23.42 3.63 -27.68
N TYR B 149 24.16 3.94 -28.75
CA TYR B 149 23.56 4.41 -29.99
C TYR B 149 23.37 3.22 -30.90
N GLN B 150 22.35 3.31 -31.71
CA GLN B 150 22.03 2.28 -32.70
C GLN B 150 23.23 1.86 -33.53
N ASP B 151 23.15 0.66 -34.07
CA ASP B 151 24.16 0.14 -34.99
C ASP B 151 23.59 0.18 -36.40
N PRO B 152 24.46 0.11 -37.40
CA PRO B 152 23.91 0.00 -38.74
C PRO B 152 23.27 -1.36 -38.99
N MET B 153 22.22 -1.37 -39.79
CA MET B 153 21.66 -2.60 -40.28
C MET B 153 22.58 -3.05 -41.41
N VAL B 154 22.94 -4.34 -41.39
CA VAL B 154 23.95 -4.93 -42.30
C VAL B 154 23.45 -6.20 -42.94
N HIS B 155 23.43 -6.28 -44.26
CA HIS B 155 23.19 -7.50 -44.99
C HIS B 155 24.17 -7.52 -46.14
N GLY B 156 25.08 -8.46 -46.10
CA GLY B 156 26.20 -8.47 -47.01
C GLY B 156 26.91 -7.14 -46.97
N ASP B 157 27.12 -6.54 -48.14
CA ASP B 157 27.82 -5.27 -48.25
C ASP B 157 26.87 -4.06 -48.04
N SER B 158 25.58 -4.31 -47.96
CA SER B 158 24.63 -3.25 -47.73
C SER B 158 24.66 -2.96 -46.23
N ASN B 159 25.02 -1.74 -45.86
CA ASN B 159 24.98 -1.31 -44.47
C ASN B 159 24.60 0.17 -44.42
N ILE B 160 23.72 0.48 -43.47
CA ILE B 160 23.11 1.79 -43.39
C ILE B 160 22.51 2.09 -41.99
N GLN B 161 22.42 3.38 -41.67
CA GLN B 161 21.71 3.83 -40.47
C GLN B 161 21.28 5.28 -40.67
N SER B 162 20.19 5.68 -40.01
CA SER B 162 19.69 7.05 -40.08
C SER B 162 19.02 7.49 -38.80
N ILE B 163 18.91 8.80 -38.65
CA ILE B 163 18.15 9.45 -37.58
C ILE B 163 17.47 10.71 -38.08
N PHE B 164 16.41 11.10 -37.40
CA PHE B 164 15.87 12.43 -37.56
C PHE B 164 16.71 13.34 -36.68
N THR B 165 16.99 14.54 -37.18
CA THR B 165 17.80 15.49 -36.43
C THR B 165 17.11 16.84 -36.21
N LYS B 166 16.14 17.21 -37.06
CA LYS B 166 15.63 18.55 -37.00
C LYS B 166 14.20 18.75 -37.51
N LEU B 167 13.31 19.17 -36.60
CA LEU B 167 11.93 19.47 -36.95
C LEU B 167 11.75 20.98 -37.07
N ASP B 168 11.06 21.40 -38.12
CA ASP B 168 10.69 22.79 -38.32
C ASP B 168 9.21 22.85 -38.55
N GLU B 169 8.44 23.15 -37.50
CA GLU B 169 6.97 23.13 -37.61
C GLU B 169 6.42 24.38 -38.33
N ASN B 170 7.27 25.34 -38.53
CA ASN B 170 6.98 26.48 -39.25
C ASN B 170 6.85 26.22 -40.73
N LYS B 171 7.89 25.67 -41.28
CA LYS B 171 7.91 25.32 -42.70
C LYS B 171 7.45 23.90 -42.94
N GLN B 172 7.16 23.17 -41.87
CA GLN B 172 6.68 21.80 -41.96
C GLN B 172 7.67 20.91 -42.71
N THR B 173 8.93 20.98 -42.30
CA THR B 173 9.94 20.06 -42.76
C THR B 173 10.57 19.31 -41.62
N ILE B 174 11.15 18.16 -41.96
CA ILE B 174 11.91 17.31 -41.02
C ILE B 174 13.27 17.07 -41.69
N GLU B 175 14.32 16.97 -40.89
CA GLU B 175 15.62 16.70 -41.44
C GLU B 175 16.02 15.27 -41.07
N GLN B 176 16.45 14.50 -42.06
CA GLN B 176 17.00 13.18 -41.79
C GLN B 176 18.46 13.11 -42.20
N GLN B 177 19.28 12.51 -41.36
CA GLN B 177 20.68 12.25 -41.66
C GLN B 177 20.95 10.73 -41.79
N ILE B 178 21.52 10.36 -42.94
CA ILE B 178 21.75 8.98 -43.34
C ILE B 178 23.24 8.65 -43.53
N TYR B 179 23.72 7.63 -42.84
CA TYR B 179 25.05 7.08 -43.11
C TYR B 179 24.94 5.95 -44.13
N VAL B 180 25.42 6.19 -45.34
CA VAL B 180 25.54 5.11 -46.37
C VAL B 180 26.90 4.45 -46.31
N ASN B 181 26.92 3.12 -46.15
CA ASN B 181 28.17 2.37 -46.06
C ASN B 181 29.15 2.90 -45.01
N PRO B 182 28.69 3.14 -43.77
CA PRO B 182 29.66 3.59 -42.75
C PRO B 182 30.78 2.60 -42.43
N LEU B 183 30.55 1.32 -42.73
CA LEU B 183 31.60 0.32 -42.53
C LEU B 183 32.71 0.39 -43.60
N LYS B 184 32.50 1.20 -44.63
CA LYS B 184 33.50 1.41 -45.68
C LYS B 184 33.78 0.14 -46.48
N LYS B 185 32.76 -0.64 -46.72
CA LYS B 185 32.94 -1.81 -47.54
C LYS B 185 33.05 -1.38 -48.97
N THR B 186 33.65 -2.24 -49.80
CA THR B 186 33.48 -2.15 -51.25
C THR B 186 32.13 -2.80 -51.60
N ALA B 187 31.35 -2.12 -52.40
CA ALA B 187 29.97 -2.55 -52.60
C ALA B 187 29.55 -2.31 -54.05
N THR B 188 29.00 -3.34 -54.66
CA THR B 188 28.68 -3.36 -56.09
C THR B 188 27.31 -2.84 -56.41
N ASN B 189 27.23 -1.97 -57.40
CA ASN B 189 25.99 -1.48 -57.92
C ASN B 189 25.06 -0.99 -56.83
N THR B 190 25.61 -0.20 -55.92
CA THR B 190 24.87 0.34 -54.79
C THR B 190 23.78 1.30 -55.22
N LYS B 191 22.53 0.98 -54.89
CA LYS B 191 21.42 1.93 -55.01
C LYS B 191 20.89 2.22 -53.63
N VAL B 192 20.63 3.50 -53.36
CA VAL B 192 20.08 3.93 -52.08
C VAL B 192 18.70 4.56 -52.28
N ASP B 193 17.71 4.00 -51.59
CA ASP B 193 16.36 4.55 -51.63
C ASP B 193 16.06 5.43 -50.39
N ILE B 194 15.23 6.45 -50.61
CA ILE B 194 14.66 7.25 -49.55
C ILE B 194 13.16 7.34 -49.83
N ALA B 195 12.37 6.74 -48.94
CA ALA B 195 10.91 6.62 -49.09
C ALA B 195 10.12 7.30 -47.95
N GLY B 196 9.05 7.99 -48.31
CA GLY B 196 8.26 8.80 -47.35
C GLY B 196 7.29 7.95 -46.54
N SER B 197 7.87 6.92 -45.94
CA SER B 197 7.14 5.89 -45.23
C SER B 197 8.09 5.03 -44.47
N GLN B 198 7.58 4.37 -43.45
CA GLN B 198 8.35 3.36 -42.73
C GLN B 198 8.80 2.27 -43.73
N VAL B 199 9.95 1.67 -43.42
CA VAL B 199 10.59 0.66 -44.24
C VAL B 199 11.16 -0.38 -43.27
N ASP B 200 11.02 -1.67 -43.57
CA ASP B 200 11.53 -2.72 -42.71
C ASP B 200 13.04 -2.86 -42.83
N ASP B 201 13.64 -3.80 -42.09
CA ASP B 201 15.10 -4.05 -42.07
C ASP B 201 15.75 -4.53 -43.39
N TYR B 202 14.92 -4.87 -44.38
CA TYR B 202 15.37 -5.31 -45.70
C TYR B 202 14.89 -4.35 -46.73
N GLY B 203 14.40 -3.20 -46.31
CA GLY B 203 14.01 -2.17 -47.24
C GLY B 203 12.60 -2.24 -47.77
N ASN B 204 11.83 -3.20 -47.32
CA ASN B 204 10.47 -3.30 -47.83
C ASN B 204 9.63 -2.16 -47.28
N ILE B 205 8.90 -1.47 -48.15
CA ILE B 205 8.03 -0.37 -47.76
C ILE B 205 6.84 -0.85 -46.90
N LYS B 206 6.72 -0.33 -45.71
CA LYS B 206 5.65 -0.70 -44.82
C LYS B 206 4.82 0.52 -44.68
N LEU B 207 3.92 0.66 -45.61
CA LEU B 207 3.04 1.79 -45.61
C LEU B 207 2.05 1.66 -44.47
N GLY B 208 1.48 2.81 -44.09
CA GLY B 208 0.50 2.94 -43.01
C GLY B 208 1.06 3.29 -41.62
N ASN B 209 2.34 3.65 -41.54
CA ASN B 209 2.96 3.88 -40.22
C ASN B 209 3.65 5.22 -40.09
N GLY B 210 3.08 6.22 -40.77
CA GLY B 210 3.58 7.56 -40.80
C GLY B 210 4.08 7.87 -42.18
N SER B 211 4.16 9.14 -42.55
CA SER B 211 4.63 9.44 -43.92
C SER B 211 5.32 10.79 -44.04
N THR B 212 6.08 10.96 -45.12
CA THR B 212 6.55 12.27 -45.54
C THR B 212 6.40 12.42 -47.02
N ILE B 213 6.83 13.56 -47.56
CA ILE B 213 6.79 13.84 -48.98
C ILE B 213 8.16 13.77 -49.63
N ILE B 214 8.39 12.76 -50.48
CA ILE B 214 9.66 12.66 -51.21
C ILE B 214 9.43 12.86 -52.71
N ASP B 215 9.97 13.95 -53.22
CA ASP B 215 9.97 14.22 -54.64
C ASP B 215 11.16 15.07 -55.05
N GLN B 216 11.09 15.59 -56.28
CA GLN B 216 12.14 16.42 -56.86
C GLN B 216 12.49 17.64 -56.08
N ASN B 217 11.52 18.18 -55.36
CA ASN B 217 11.73 19.39 -54.57
C ASN B 217 12.28 19.13 -53.16
N THR B 218 12.42 17.87 -52.79
CA THR B 218 13.04 17.49 -51.52
C THR B 218 14.51 17.91 -51.52
N GLU B 219 14.97 18.57 -50.47
CA GLU B 219 16.36 18.95 -50.39
C GLU B 219 17.22 17.72 -50.01
N MET B 220 18.19 17.40 -50.83
CA MET B 220 19.03 16.26 -50.63
C MET B 220 20.46 16.66 -50.91
N LYS B 221 21.29 16.63 -49.89
CA LYS B 221 22.74 16.82 -50.07
C LYS B 221 23.50 15.51 -49.85
N VAL B 222 24.59 15.32 -50.59
CA VAL B 222 25.40 14.13 -50.44
C VAL B 222 26.85 14.50 -50.18
N TYR B 223 27.40 13.96 -49.10
CA TYR B 223 28.79 14.21 -48.70
C TYR B 223 29.59 12.89 -48.74
N LYS B 224 30.82 12.94 -49.22
CA LYS B 224 31.68 11.79 -49.24
C LYS B 224 32.65 11.85 -48.06
N VAL B 225 33.04 10.67 -47.56
CA VAL B 225 33.79 10.51 -46.31
C VAL B 225 35.11 9.89 -46.62
N ASN B 226 36.20 10.49 -46.13
CA ASN B 226 37.56 9.92 -46.28
C ASN B 226 37.73 8.63 -45.54
N PRO B 227 38.68 7.82 -45.98
CA PRO B 227 38.99 6.55 -45.34
C PRO B 227 39.55 6.67 -43.94
N ASN B 228 40.08 7.84 -43.59
CA ASN B 228 40.57 8.01 -42.22
C ASN B 228 39.67 8.93 -41.39
N GLN B 229 38.48 9.22 -41.91
CA GLN B 229 37.44 9.95 -41.19
C GLN B 229 36.44 8.97 -40.57
N GLN B 230 36.30 8.99 -39.25
CA GLN B 230 35.25 8.22 -38.57
C GLN B 230 34.03 9.09 -38.28
N LEU B 231 32.84 8.55 -38.48
CA LEU B 231 31.60 9.27 -38.20
C LEU B 231 31.12 9.08 -36.74
N PRO B 232 30.58 10.14 -36.13
CA PRO B 232 29.99 10.10 -34.81
C PRO B 232 28.92 9.00 -34.63
N GLN B 233 29.01 8.24 -33.55
CA GLN B 233 28.09 7.11 -33.35
C GLN B 233 26.67 7.56 -33.02
N SER B 234 26.52 8.81 -32.60
CA SER B 234 25.20 9.38 -32.39
C SER B 234 24.38 9.45 -33.67
N ASN B 235 25.03 9.31 -34.82
CA ASN B 235 24.40 9.42 -36.14
C ASN B 235 24.19 10.86 -36.58
N ARG B 236 24.68 11.83 -35.83
CA ARG B 236 24.36 13.23 -36.09
C ARG B 236 25.61 14.07 -36.40
N ILE B 237 25.53 14.83 -37.48
CA ILE B 237 26.61 15.70 -37.92
C ILE B 237 26.23 17.13 -37.59
N TYR B 238 27.12 17.84 -36.93
CA TYR B 238 26.88 19.23 -36.56
C TYR B 238 27.74 20.16 -37.42
N ASP B 239 28.68 19.58 -38.15
CA ASP B 239 29.63 20.36 -38.95
C ASP B 239 29.90 19.66 -40.30
N PHE B 240 29.15 20.05 -41.32
CA PHE B 240 29.27 19.35 -42.62
C PHE B 240 30.49 19.83 -43.43
N SER B 241 31.04 20.98 -43.04
CA SER B 241 32.23 21.55 -43.67
C SER B 241 33.42 20.62 -43.69
N GLN B 242 33.60 19.79 -42.68
CA GLN B 242 34.74 18.85 -42.68
C GLN B 242 34.63 17.67 -43.69
N TYR B 243 33.53 17.58 -44.42
CA TYR B 243 33.42 16.56 -45.44
C TYR B 243 33.27 17.18 -46.88
N GLU B 244 33.48 16.33 -47.87
CA GLU B 244 33.45 16.71 -49.28
C GLU B 244 32.03 16.67 -49.80
N ASP B 245 31.52 17.84 -50.21
CA ASP B 245 30.20 17.95 -50.85
C ASP B 245 30.21 17.37 -52.28
N VAL B 246 29.54 16.23 -52.53
CA VAL B 246 29.52 15.68 -53.91
C VAL B 246 28.15 15.72 -54.52
N THR B 247 27.29 16.57 -53.98
CA THR B 247 25.91 16.59 -54.35
C THR B 247 25.68 16.71 -55.86
N SER B 248 26.40 17.63 -56.51
CA SER B 248 26.24 17.88 -57.97
C SER B 248 26.48 16.62 -58.82
N GLN B 249 27.29 15.68 -58.28
CA GLN B 249 27.56 14.41 -58.97
C GLN B 249 26.34 13.48 -59.02
N PHE B 250 25.30 13.80 -58.26
CA PHE B 250 24.04 13.06 -58.31
C PHE B 250 22.92 13.78 -59.07
N ASP B 251 23.23 14.93 -59.64
CA ASP B 251 22.20 15.66 -60.36
C ASP B 251 21.55 14.79 -61.45
N ASN B 252 22.32 13.88 -62.03
CA ASN B 252 21.82 13.02 -63.11
C ASN B 252 21.66 11.54 -62.72
N LYS B 253 21.80 11.23 -61.43
CA LYS B 253 21.68 9.87 -60.93
C LYS B 253 20.57 9.68 -59.93
N LYS B 254 19.60 10.58 -59.97
CA LYS B 254 18.49 10.56 -59.05
C LYS B 254 17.27 10.29 -59.88
N SER B 255 16.40 9.42 -59.39
CA SER B 255 15.09 9.24 -60.00
C SER B 255 14.04 9.09 -58.90
N PHE B 256 12.82 9.53 -59.21
CA PHE B 256 11.72 9.51 -58.22
C PHE B 256 10.52 8.74 -58.71
N SER B 257 9.91 7.96 -57.85
CA SER B 257 8.72 7.24 -58.21
C SER B 257 7.85 6.87 -57.03
N ASN B 258 6.63 7.41 -57.03
CA ASN B 258 5.63 7.08 -56.00
C ASN B 258 6.16 7.29 -54.62
N ASN B 259 6.48 8.54 -54.31
CA ASN B 259 6.97 8.95 -52.99
C ASN B 259 8.28 8.30 -52.52
N VAL B 260 9.07 7.80 -53.48
CA VAL B 260 10.38 7.19 -53.21
C VAL B 260 11.46 7.75 -54.11
N ALA B 261 12.58 8.16 -53.52
CA ALA B 261 13.74 8.57 -54.29
C ALA B 261 14.75 7.46 -54.43
N THR B 262 15.34 7.32 -55.62
CA THR B 262 16.48 6.43 -55.81
C THR B 262 17.72 7.21 -56.27
N LEU B 263 18.83 6.98 -55.58
CA LEU B 263 20.12 7.51 -55.98
C LEU B 263 21.05 6.40 -56.41
N ASP B 264 21.58 6.53 -57.62
CA ASP B 264 22.52 5.54 -58.19
C ASP B 264 23.95 5.85 -57.74
N PHE B 265 24.41 5.16 -56.70
CA PHE B 265 25.75 5.36 -56.15
C PHE B 265 26.77 4.52 -56.91
N GLY B 266 26.33 3.43 -57.56
CA GLY B 266 27.24 2.52 -58.26
C GLY B 266 28.24 1.80 -57.37
N ASP B 267 29.31 1.28 -57.95
CA ASP B 267 30.38 0.67 -57.19
C ASP B 267 31.04 1.73 -56.31
N ILE B 268 31.16 1.46 -55.01
CA ILE B 268 31.76 2.37 -54.10
C ILE B 268 32.68 1.62 -53.15
N ASN B 269 33.56 2.35 -52.49
CA ASN B 269 34.37 1.81 -51.40
C ASN B 269 34.53 2.80 -50.24
N SER B 270 33.64 3.79 -50.20
CA SER B 270 33.67 4.82 -49.19
C SER B 270 32.33 4.90 -48.46
N ALA B 271 32.34 5.49 -47.26
CA ALA B 271 31.14 5.94 -46.61
C ALA B 271 30.64 7.26 -47.23
N TYR B 272 29.34 7.51 -47.08
CA TYR B 272 28.70 8.73 -47.52
C TYR B 272 27.70 9.16 -46.47
N ILE B 273 27.37 10.46 -46.49
CA ILE B 273 26.34 11.01 -45.65
C ILE B 273 25.31 11.64 -46.53
N ILE B 274 24.04 11.27 -46.36
CA ILE B 274 22.97 12.00 -47.07
C ILE B 274 22.20 12.85 -46.06
N LYS B 275 22.03 14.12 -46.38
CA LYS B 275 21.18 14.99 -45.62
C LYS B 275 19.89 15.27 -46.39
N VAL B 276 18.78 14.82 -45.81
CA VAL B 276 17.49 14.99 -46.43
C VAL B 276 16.67 15.99 -45.60
N VAL B 277 16.14 17.00 -46.30
CA VAL B 277 15.13 17.89 -45.74
C VAL B 277 13.87 17.75 -46.58
N SER B 278 12.87 17.14 -45.95
CA SER B 278 11.63 16.84 -46.62
C SER B 278 10.40 17.48 -45.96
N LYS B 279 9.35 17.67 -46.77
CA LYS B 279 8.08 18.24 -46.35
C LYS B 279 7.22 17.15 -45.72
N TYR B 280 6.41 17.52 -44.71
CA TYR B 280 5.43 16.59 -44.12
C TYR B 280 4.05 17.20 -43.99
N THR B 281 3.07 16.33 -43.74
CA THR B 281 1.65 16.74 -43.66
C THR B 281 1.05 16.42 -42.28
N PRO B 282 0.88 17.45 -41.44
CA PRO B 282 0.29 17.26 -40.12
C PRO B 282 -1.19 17.01 -40.29
N THR B 283 -1.77 16.19 -39.41
CA THR B 283 -3.16 15.75 -39.50
C THR B 283 -4.18 16.89 -39.36
N SER B 284 -5.44 16.54 -39.66
CA SER B 284 -6.62 17.43 -39.49
C SER B 284 -6.58 18.24 -38.19
N ASP B 285 -6.01 17.65 -37.13
CA ASP B 285 -6.02 18.27 -35.79
C ASP B 285 -4.61 18.71 -35.31
N GLY B 286 -3.65 18.78 -36.23
CA GLY B 286 -2.35 19.33 -35.91
C GLY B 286 -1.38 18.38 -35.22
N GLU B 287 -1.68 17.08 -35.22
CA GLU B 287 -0.74 16.07 -34.69
C GLU B 287 0.15 15.55 -35.82
N LEU B 288 1.14 14.73 -35.50
CA LEU B 288 2.18 14.35 -36.45
C LEU B 288 2.26 12.87 -36.63
N ASP B 289 2.23 12.43 -37.88
CA ASP B 289 2.51 11.05 -38.22
C ASP B 289 3.63 11.07 -39.27
N ILE B 290 4.82 11.37 -38.79
CA ILE B 290 5.98 11.53 -39.64
C ILE B 290 6.81 10.32 -39.60
N ALA B 291 6.97 9.68 -40.76
CA ALA B 291 7.86 8.54 -40.89
C ALA B 291 8.58 8.59 -42.24
N GLN B 292 9.83 8.11 -42.25
CA GLN B 292 10.63 8.13 -43.44
C GLN B 292 11.68 7.09 -43.32
N GLY B 293 11.89 6.38 -44.42
CA GLY B 293 12.77 5.21 -44.40
C GLY B 293 13.83 5.23 -45.48
N THR B 294 14.91 4.48 -45.28
CA THR B 294 15.95 4.44 -46.31
C THR B 294 16.52 3.05 -46.45
N SER B 295 17.02 2.75 -47.65
CA SER B 295 17.67 1.47 -47.87
C SER B 295 18.85 1.53 -48.85
N MET B 296 19.78 0.61 -48.64
CA MET B 296 20.92 0.41 -49.51
C MET B 296 20.83 -1.01 -50.11
N ARG B 297 20.90 -1.08 -51.44
CA ARG B 297 20.95 -2.34 -52.15
C ARG B 297 22.32 -2.55 -52.78
N THR B 298 22.94 -3.68 -52.53
CA THR B 298 24.11 -4.06 -53.29
C THR B 298 23.89 -5.35 -54.08
N THR B 299 24.86 -5.72 -54.89
CA THR B 299 24.83 -6.98 -55.63
C THR B 299 25.98 -7.85 -55.10
N ASP B 300 25.65 -9.05 -54.58
CA ASP B 300 26.67 -9.98 -54.10
C ASP B 300 27.37 -10.73 -55.25
N LYS B 301 28.41 -11.48 -54.89
CA LYS B 301 29.22 -12.20 -55.85
C LYS B 301 28.45 -13.20 -56.69
N TYR B 302 27.28 -13.65 -56.23
CA TYR B 302 26.48 -14.57 -57.01
C TYR B 302 25.38 -13.89 -57.81
N GLY B 303 25.41 -12.56 -57.89
CA GLY B 303 24.40 -11.81 -58.68
C GLY B 303 23.09 -11.52 -57.95
N TYR B 304 23.01 -11.94 -56.68
CA TYR B 304 21.84 -11.64 -55.85
C TYR B 304 21.99 -10.31 -55.16
N TYR B 305 20.86 -9.61 -55.06
CA TYR B 305 20.75 -8.40 -54.28
C TYR B 305 20.72 -8.65 -52.79
N ASN B 306 21.36 -7.75 -52.04
CA ASN B 306 21.16 -7.66 -50.59
C ASN B 306 20.63 -6.27 -50.28
N TYR B 307 19.56 -6.21 -49.48
CA TYR B 307 18.97 -4.95 -49.10
C TYR B 307 19.22 -4.74 -47.61
N ALA B 308 19.48 -3.50 -47.21
CA ALA B 308 19.54 -3.15 -45.78
C ALA B 308 18.74 -1.88 -45.60
N GLY B 309 17.77 -1.94 -44.68
CA GLY B 309 16.81 -0.85 -44.47
C GLY B 309 16.91 -0.20 -43.10
N TYR B 310 16.38 1.02 -43.02
CA TYR B 310 16.39 1.83 -41.79
C TYR B 310 15.28 2.82 -41.89
N SER B 311 14.74 3.17 -40.73
CA SER B 311 13.51 3.94 -40.65
C SER B 311 13.44 4.77 -39.35
N ASN B 312 12.92 5.99 -39.49
CA ASN B 312 12.73 6.90 -38.34
C ASN B 312 11.29 7.40 -38.27
N PHE B 313 10.81 7.70 -37.08
CA PHE B 313 9.48 8.29 -36.96
C PHE B 313 9.32 9.25 -35.77
N ILE B 314 8.37 10.18 -35.91
CA ILE B 314 7.85 10.94 -34.77
C ILE B 314 6.35 10.97 -34.89
N VAL B 315 5.67 10.40 -33.89
CA VAL B 315 4.22 10.38 -33.88
C VAL B 315 3.74 10.96 -32.55
N THR B 316 3.07 12.10 -32.62
CA THR B 316 2.59 12.78 -31.43
C THR B 316 1.11 12.42 -31.18
N SER B 317 0.64 12.60 -29.93
CA SER B 317 -0.72 12.25 -29.53
C SER B 317 -1.28 13.22 -28.51
N ASN C 4 -34.75 -7.54 -3.77
CA ASN C 4 -33.79 -8.47 -4.34
C ASN C 4 -32.51 -8.68 -3.51
N ASN C 5 -32.25 -9.87 -2.94
CA ASN C 5 -31.04 -10.01 -2.24
C ASN C 5 -29.87 -10.05 -3.19
N VAL C 6 -28.77 -9.42 -2.78
CA VAL C 6 -27.55 -9.46 -3.55
C VAL C 6 -26.34 -9.92 -2.74
N ASN C 7 -26.58 -10.73 -1.72
CA ASN C 7 -25.49 -11.30 -0.94
C ASN C 7 -24.44 -12.00 -1.82
N ASP C 8 -24.91 -12.66 -2.85
CA ASP C 8 -24.07 -13.31 -3.84
C ASP C 8 -23.09 -12.33 -4.49
N LEU C 9 -23.53 -11.09 -4.69
CA LEU C 9 -22.71 -10.05 -5.31
C LEU C 9 -21.87 -9.25 -4.30
N ILE C 10 -21.83 -9.71 -3.05
CA ILE C 10 -20.99 -9.10 -2.02
C ILE C 10 -19.84 -10.01 -1.72
N THR C 11 -18.64 -9.57 -1.97
CA THR C 11 -17.45 -10.35 -1.63
C THR C 11 -16.78 -9.89 -0.35
N VAL C 12 -16.76 -10.73 0.67
CA VAL C 12 -16.21 -10.35 1.97
C VAL C 12 -14.67 -10.40 1.93
N THR C 13 -14.05 -9.23 2.04
CA THR C 13 -12.63 -9.02 2.13
C THR C 13 -12.08 -9.41 3.51
N LYS C 14 -12.85 -9.11 4.55
CA LYS C 14 -12.35 -9.35 5.89
C LYS C 14 -13.45 -9.45 6.91
N GLN C 15 -13.33 -10.35 7.86
CA GLN C 15 -14.32 -10.39 8.92
C GLN C 15 -13.75 -11.02 10.18
N THR C 16 -13.62 -10.22 11.23
CA THR C 16 -13.08 -10.69 12.50
C THR C 16 -14.04 -10.48 13.65
N ILE C 17 -13.96 -11.39 14.61
CA ILE C 17 -14.72 -11.29 15.82
C ILE C 17 -13.77 -11.20 17.00
N LYS C 18 -13.97 -10.25 17.91
CA LYS C 18 -13.13 -10.18 19.14
C LYS C 18 -13.80 -9.49 20.30
N VAL C 19 -13.29 -9.78 21.48
CA VAL C 19 -13.71 -9.10 22.69
C VAL C 19 -13.08 -7.73 22.78
N GLY C 20 -13.90 -6.68 22.78
CA GLY C 20 -13.39 -5.34 22.90
C GLY C 20 -13.68 -4.74 24.28
N ASP C 21 -13.13 -3.55 24.51
CA ASP C 21 -13.42 -2.75 25.70
C ASP C 21 -14.58 -1.84 25.37
N GLY C 22 -15.56 -1.83 26.25
CA GLY C 22 -16.80 -1.07 26.02
C GLY C 22 -16.60 0.42 25.90
N LYS C 23 -15.53 0.95 26.45
CA LYS C 23 -15.24 2.37 26.31
C LYS C 23 -14.84 2.79 24.88
N ASP C 24 -14.59 1.83 23.99
CA ASP C 24 -14.11 2.11 22.63
C ASP C 24 -15.22 2.04 21.62
N ASN C 25 -16.42 1.74 22.08
CA ASN C 25 -17.62 1.94 21.29
C ASN C 25 -18.05 3.41 21.37
N VAL C 26 -17.49 4.27 20.51
CA VAL C 26 -17.68 5.73 20.66
C VAL C 26 -19.13 6.16 20.61
N ALA C 27 -19.85 5.52 19.70
CA ALA C 27 -21.28 5.74 19.59
C ALA C 27 -21.99 5.49 20.94
N ALA C 28 -21.43 4.59 21.77
CA ALA C 28 -22.04 4.30 23.08
C ALA C 28 -21.06 3.64 24.04
N ALA C 29 -20.14 4.46 24.56
CA ALA C 29 -19.14 3.99 25.49
C ALA C 29 -19.78 3.61 26.86
N HIS C 30 -19.40 2.44 27.39
CA HIS C 30 -19.86 1.97 28.67
C HIS C 30 -18.73 1.19 29.33
N ASP C 31 -18.79 1.04 30.65
CA ASP C 31 -17.87 0.14 31.37
C ASP C 31 -18.15 -1.26 30.96
N GLY C 32 -17.24 -2.17 31.23
CA GLY C 32 -17.39 -3.57 30.80
C GLY C 32 -16.94 -3.81 29.38
N LYS C 33 -17.07 -5.03 28.96
CA LYS C 33 -16.60 -5.48 27.66
C LYS C 33 -17.69 -5.68 26.66
N ASP C 34 -17.31 -5.88 25.40
CA ASP C 34 -18.28 -6.20 24.40
C ASP C 34 -17.64 -6.98 23.26
N ILE C 35 -18.47 -7.31 22.28
CA ILE C 35 -18.03 -8.07 21.14
C ILE C 35 -17.97 -7.15 19.93
N GLU C 36 -16.83 -7.15 19.24
CA GLU C 36 -16.67 -6.34 18.05
C GLU C 36 -16.67 -7.23 16.82
N TYR C 37 -17.51 -6.87 15.86
CA TYR C 37 -17.51 -7.52 14.58
C TYR C 37 -17.05 -6.50 13.54
N ASP C 38 -15.89 -6.77 12.96
CA ASP C 38 -15.27 -5.87 12.01
C ASP C 38 -15.29 -6.53 10.63
N THR C 39 -16.02 -5.95 9.68
CA THR C 39 -16.12 -6.58 8.36
C THR C 39 -15.84 -5.59 7.25
N GLU C 40 -15.20 -6.08 6.20
CA GLU C 40 -14.91 -5.26 5.02
C GLU C 40 -15.26 -6.08 3.79
N PHE C 41 -15.81 -5.43 2.80
CA PHE C 41 -16.37 -6.14 1.67
C PHE C 41 -16.43 -5.31 0.40
N THR C 42 -16.52 -5.98 -0.73
CA THR C 42 -16.65 -5.26 -1.99
C THR C 42 -17.98 -5.57 -2.64
N ILE C 43 -18.61 -4.51 -3.12
CA ILE C 43 -19.90 -4.55 -3.76
C ILE C 43 -19.71 -4.65 -5.29
N ASP C 44 -20.41 -5.59 -5.91
CA ASP C 44 -20.44 -5.68 -7.37
C ASP C 44 -21.08 -4.43 -8.01
N ASN C 45 -20.72 -4.18 -9.25
CA ASN C 45 -21.24 -3.00 -9.96
C ASN C 45 -22.72 -3.13 -10.36
N LYS C 46 -23.18 -4.38 -10.49
CA LYS C 46 -24.59 -4.70 -10.73
C LYS C 46 -25.53 -4.13 -9.69
N VAL C 47 -25.10 -4.20 -8.44
CA VAL C 47 -25.93 -3.78 -7.31
C VAL C 47 -26.50 -2.38 -7.52
N LYS C 48 -27.80 -2.21 -7.27
CA LYS C 48 -28.51 -0.95 -7.54
C LYS C 48 -29.37 -0.50 -6.35
N LYS C 49 -29.85 0.75 -6.44
CA LYS C 49 -30.70 1.30 -5.38
C LYS C 49 -31.81 0.32 -5.00
N GLY C 50 -31.91 -0.02 -3.72
CA GLY C 50 -33.02 -0.83 -3.19
C GLY C 50 -32.75 -2.32 -3.17
N ASP C 51 -31.60 -2.73 -3.66
CA ASP C 51 -31.13 -4.08 -3.39
C ASP C 51 -30.74 -4.22 -1.92
N THR C 52 -30.71 -5.45 -1.43
CA THR C 52 -30.39 -5.68 -0.03
C THR C 52 -29.23 -6.63 0.20
N MET C 53 -28.68 -6.57 1.40
CA MET C 53 -27.71 -7.57 1.88
C MET C 53 -27.90 -7.74 3.38
N THR C 54 -27.58 -8.91 3.89
CA THR C 54 -27.75 -9.18 5.30
C THR C 54 -26.45 -9.30 6.06
N ILE C 55 -26.57 -9.07 7.36
CA ILE C 55 -25.47 -9.28 8.28
C ILE C 55 -26.04 -10.01 9.48
N ASN C 56 -25.43 -11.12 9.88
CA ASN C 56 -25.94 -11.89 11.01
C ASN C 56 -25.16 -11.72 12.32
N TYR C 57 -25.87 -11.56 13.43
CA TYR C 57 -25.26 -11.54 14.75
C TYR C 57 -25.27 -12.98 15.24
N ASP C 58 -24.43 -13.28 16.23
CA ASP C 58 -24.46 -14.56 16.89
C ASP C 58 -25.68 -14.66 17.81
N LYS C 59 -26.21 -15.88 17.89
CA LYS C 59 -27.43 -16.14 18.61
C LYS C 59 -27.34 -15.79 20.11
N ASN C 60 -26.14 -15.80 20.67
CA ASN C 60 -25.94 -15.45 22.07
C ASN C 60 -25.55 -13.99 22.32
N VAL C 61 -25.61 -13.13 21.31
CA VAL C 61 -25.30 -11.70 21.49
C VAL C 61 -26.51 -10.84 21.17
N ILE C 62 -26.51 -9.62 21.73
CA ILE C 62 -27.55 -8.59 21.49
C ILE C 62 -26.87 -7.23 21.11
N PRO C 63 -27.51 -6.42 20.26
CA PRO C 63 -26.88 -5.17 19.88
C PRO C 63 -26.77 -4.14 21.00
N SER C 64 -27.78 -4.02 21.86
CA SER C 64 -27.58 -3.36 23.16
C SER C 64 -28.19 -4.15 24.28
N ASP C 65 -27.57 -4.16 25.45
CA ASP C 65 -28.25 -4.80 26.57
C ASP C 65 -28.73 -3.78 27.57
N LEU C 66 -28.65 -2.50 27.21
CA LEU C 66 -29.33 -1.44 27.97
C LEU C 66 -30.71 -1.14 27.44
N THR C 67 -30.94 -1.44 26.18
CA THR C 67 -32.23 -1.15 25.55
C THR C 67 -32.42 -2.06 24.35
N ASP C 68 -33.60 -2.02 23.75
CA ASP C 68 -33.81 -2.69 22.44
C ASP C 68 -34.04 -1.67 21.34
N LYS C 69 -33.58 -0.45 21.56
CA LYS C 69 -33.31 0.48 20.49
C LYS C 69 -32.28 -0.21 19.61
N ASN C 70 -32.68 -0.58 18.41
CA ASN C 70 -31.70 -0.84 17.39
C ASN C 70 -32.02 -0.29 16.03
N ASP C 71 -31.62 0.96 15.85
CA ASP C 71 -31.24 1.44 14.53
C ASP C 71 -29.83 0.88 14.36
N PRO C 72 -29.65 -0.10 13.45
CA PRO C 72 -28.29 -0.43 13.04
C PRO C 72 -27.67 0.81 12.44
N ILE C 73 -26.39 1.01 12.63
CA ILE C 73 -25.71 2.14 11.96
C ILE C 73 -25.72 1.98 10.42
N ASP C 74 -25.64 3.11 9.73
CA ASP C 74 -25.65 3.10 8.28
C ASP C 74 -24.35 2.52 7.81
N ILE C 75 -24.29 2.13 6.55
CA ILE C 75 -23.03 1.85 5.90
C ILE C 75 -22.65 3.14 5.17
N THR C 76 -21.49 3.69 5.49
CA THR C 76 -21.11 4.98 4.94
C THR C 76 -19.72 4.94 4.30
N ASP C 77 -19.54 5.70 3.20
CA ASP C 77 -18.21 5.90 2.57
C ASP C 77 -17.36 6.88 3.38
N PRO C 78 -16.06 7.04 3.03
CA PRO C 78 -15.18 7.82 3.90
C PRO C 78 -15.63 9.23 4.14
N SER C 79 -16.44 9.77 3.23
CA SER C 79 -16.98 11.12 3.41
C SER C 79 -18.26 11.16 4.23
N GLY C 80 -18.72 10.00 4.72
CA GLY C 80 -20.00 9.93 5.46
C GLY C 80 -21.24 9.84 4.58
N GLU C 81 -21.04 9.59 3.27
CA GLU C 81 -22.16 9.42 2.35
C GLU C 81 -22.74 8.02 2.58
N VAL C 82 -24.08 7.94 2.63
CA VAL C 82 -24.79 6.72 2.99
C VAL C 82 -24.88 5.76 1.82
N ILE C 83 -24.23 4.62 1.97
CA ILE C 83 -24.30 3.52 0.98
C ILE C 83 -25.50 2.59 1.25
N ALA C 84 -25.86 2.45 2.53
CA ALA C 84 -27.00 1.63 2.93
C ALA C 84 -27.53 1.99 4.32
N LYS C 85 -28.85 1.88 4.42
CA LYS C 85 -29.58 1.98 5.69
C LYS C 85 -30.01 0.55 6.09
N GLY C 86 -30.14 0.32 7.39
CA GLY C 86 -30.38 -1.01 7.89
C GLY C 86 -31.44 -1.11 8.97
N THR C 87 -32.18 -2.23 8.95
CA THR C 87 -33.07 -2.58 10.06
C THR C 87 -32.64 -3.93 10.66
N PHE C 88 -32.89 -4.07 11.96
CA PHE C 88 -32.49 -5.28 12.67
C PHE C 88 -33.77 -6.04 12.94
N ASP C 89 -33.75 -7.33 12.68
CA ASP C 89 -34.87 -8.21 12.98
C ASP C 89 -34.51 -9.09 14.19
N LYS C 90 -35.19 -8.85 15.31
CA LYS C 90 -34.91 -9.49 16.60
C LYS C 90 -35.09 -10.98 16.55
N ALA C 91 -35.87 -11.46 15.59
CA ALA C 91 -36.19 -12.89 15.50
C ALA C 91 -35.15 -13.71 14.75
N THR C 92 -34.53 -13.09 13.75
CA THR C 92 -33.44 -13.70 13.00
C THR C 92 -32.10 -13.27 13.52
N LYS C 93 -32.08 -12.22 14.35
CA LYS C 93 -30.85 -11.58 14.82
C LYS C 93 -29.96 -11.23 13.63
N GLN C 94 -30.58 -10.60 12.65
CA GLN C 94 -29.97 -10.28 11.38
C GLN C 94 -30.41 -8.88 10.95
N ILE C 95 -29.46 -8.11 10.42
CA ILE C 95 -29.70 -6.75 9.90
C ILE C 95 -29.94 -6.87 8.42
N THR C 96 -30.94 -6.16 7.91
CA THR C 96 -31.10 -6.08 6.47
C THR C 96 -30.75 -4.69 6.06
N TYR C 97 -29.68 -4.56 5.29
CA TYR C 97 -29.25 -3.28 4.73
C TYR C 97 -29.81 -3.06 3.32
N THR C 98 -30.38 -1.87 3.11
CA THR C 98 -30.92 -1.47 1.82
C THR C 98 -30.13 -0.31 1.17
N PHE C 99 -29.55 -0.57 0.01
CA PHE C 99 -28.66 0.39 -0.70
C PHE C 99 -29.38 1.59 -1.21
N THR C 100 -28.72 2.74 -1.08
CA THR C 100 -29.22 4.01 -1.57
C THR C 100 -28.86 4.04 -3.06
N ASP C 101 -29.12 5.18 -3.71
CA ASP C 101 -28.66 5.43 -5.10
C ASP C 101 -27.14 5.58 -5.19
N TYR C 102 -26.46 5.52 -4.06
CA TYR C 102 -25.01 5.57 -4.04
C TYR C 102 -24.44 4.47 -4.93
N VAL C 103 -24.98 3.26 -4.83
CA VAL C 103 -24.47 2.16 -5.70
C VAL C 103 -24.76 2.38 -7.18
N ASP C 104 -25.47 3.48 -7.49
CA ASP C 104 -25.82 3.85 -8.85
C ASP C 104 -24.81 4.85 -9.44
N LYS C 105 -24.57 5.94 -8.70
CA LYS C 105 -23.67 7.03 -9.11
C LYS C 105 -22.18 6.68 -8.99
N TYR C 106 -21.83 5.62 -8.26
CA TYR C 106 -20.44 5.19 -8.10
C TYR C 106 -20.26 3.69 -8.33
N GLU C 107 -19.04 3.29 -8.65
CA GLU C 107 -18.72 1.89 -8.90
C GLU C 107 -17.44 1.43 -8.20
N ASP C 108 -17.11 0.17 -8.36
CA ASP C 108 -15.99 -0.44 -7.68
C ASP C 108 -15.97 -0.11 -6.19
N ILE C 109 -17.16 -0.10 -5.60
CA ILE C 109 -17.35 0.31 -4.20
C ILE C 109 -16.75 -0.71 -3.23
N LYS C 110 -16.05 -0.18 -2.22
CA LYS C 110 -15.47 -0.96 -1.13
C LYS C 110 -15.88 -0.35 0.18
N ALA C 111 -16.40 -1.16 1.08
CA ALA C 111 -16.95 -0.62 2.35
C ALA C 111 -16.47 -1.42 3.54
N ARG C 112 -16.52 -0.75 4.68
CA ARG C 112 -16.14 -1.31 5.97
C ARG C 112 -17.35 -1.14 6.87
N LEU C 113 -17.43 -1.98 7.89
CA LEU C 113 -18.47 -1.86 8.89
C LEU C 113 -17.96 -2.47 10.14
N THR C 114 -18.12 -1.77 11.25
CA THR C 114 -17.83 -2.37 12.57
C THR C 114 -19.12 -2.33 13.35
N LEU C 115 -19.45 -3.46 14.01
CA LEU C 115 -20.72 -3.61 14.77
C LEU C 115 -20.42 -4.11 16.16
N TYR C 116 -20.99 -3.39 17.15
CA TYR C 116 -20.79 -3.71 18.55
C TYR C 116 -21.98 -4.49 19.12
N SER C 117 -21.69 -5.44 19.99
CA SER C 117 -22.74 -6.22 20.63
C SER C 117 -22.35 -6.76 22.01
N TYR C 118 -23.30 -7.38 22.67
CA TYR C 118 -23.16 -7.70 24.07
C TYR C 118 -23.62 -9.13 24.31
N ILE C 119 -22.82 -9.88 25.07
CA ILE C 119 -23.20 -11.22 25.45
C ILE C 119 -24.55 -11.14 26.16
N ASP C 120 -25.50 -11.91 25.69
CA ASP C 120 -26.80 -12.06 26.34
C ASP C 120 -26.64 -12.62 27.76
N LYS C 121 -26.75 -11.74 28.74
CA LYS C 121 -26.51 -12.14 30.13
C LYS C 121 -27.59 -13.07 30.68
N GLN C 122 -28.75 -13.12 30.03
CA GLN C 122 -29.76 -14.06 30.44
C GLN C 122 -29.43 -15.47 29.97
N ALA C 123 -29.01 -15.58 28.72
CA ALA C 123 -28.66 -16.88 28.14
C ALA C 123 -27.38 -17.41 28.75
N VAL C 124 -26.47 -16.48 29.06
CA VAL C 124 -25.14 -16.80 29.57
C VAL C 124 -24.87 -16.13 30.91
N PRO C 125 -25.46 -16.67 31.98
CA PRO C 125 -25.39 -15.98 33.29
C PRO C 125 -24.01 -16.03 34.04
N ASN C 126 -23.17 -16.98 33.68
CA ASN C 126 -21.86 -17.16 34.32
C ASN C 126 -20.73 -17.19 33.32
N GLU C 127 -19.51 -17.03 33.83
CA GLU C 127 -18.33 -17.06 32.99
C GLU C 127 -18.26 -18.38 32.27
N THR C 128 -17.94 -18.32 30.99
CA THR C 128 -17.68 -19.54 30.20
C THR C 128 -16.90 -19.16 28.93
N SER C 129 -16.57 -20.15 28.11
CA SER C 129 -16.15 -19.85 26.75
C SER C 129 -17.26 -20.29 25.83
N LEU C 130 -17.32 -19.68 24.66
CA LEU C 130 -18.24 -20.15 23.64
C LEU C 130 -17.78 -19.73 22.29
N ASN C 131 -18.39 -20.33 21.28
CA ASN C 131 -17.98 -20.15 19.92
C ASN C 131 -19.00 -19.24 19.27
N LEU C 132 -18.58 -18.05 18.84
CA LEU C 132 -19.51 -17.10 18.23
C LEU C 132 -19.43 -17.27 16.73
N THR C 133 -20.57 -17.12 16.08
CA THR C 133 -20.62 -17.08 14.63
C THR C 133 -21.35 -15.83 14.14
N PHE C 134 -20.65 -15.01 13.39
CA PHE C 134 -21.28 -13.90 12.62
C PHE C 134 -21.24 -14.16 11.14
N ALA C 135 -22.00 -13.39 10.37
CA ALA C 135 -21.89 -13.48 8.91
C ALA C 135 -22.07 -12.13 8.25
N THR C 136 -21.37 -11.94 7.15
CA THR C 136 -21.62 -10.82 6.28
C THR C 136 -22.12 -11.42 4.96
N ALA C 137 -23.34 -11.09 4.57
CA ALA C 137 -23.87 -11.51 3.28
C ALA C 137 -23.78 -13.03 3.03
N GLY C 138 -24.04 -13.83 4.07
CA GLY C 138 -24.06 -15.28 3.96
C GLY C 138 -22.73 -15.97 4.26
N LYS C 139 -21.64 -15.19 4.25
CA LYS C 139 -20.31 -15.71 4.56
C LYS C 139 -20.08 -15.73 6.08
N GLU C 140 -20.08 -16.93 6.66
CA GLU C 140 -19.93 -17.07 8.09
C GLU C 140 -18.48 -17.09 8.51
N THR C 141 -18.20 -16.48 9.64
CA THR C 141 -16.95 -16.69 10.31
C THR C 141 -17.21 -16.96 11.79
N SER C 142 -16.28 -17.67 12.40
CA SER C 142 -16.47 -18.19 13.74
C SER C 142 -15.26 -17.83 14.60
N GLN C 143 -15.49 -17.76 15.89
CA GLN C 143 -14.43 -17.32 16.80
C GLN C 143 -14.72 -17.83 18.19
N ASN C 144 -13.80 -18.61 18.73
CA ASN C 144 -13.92 -18.97 20.11
C ASN C 144 -13.50 -17.80 20.95
N VAL C 145 -14.32 -17.42 21.92
CA VAL C 145 -13.99 -16.34 22.88
C VAL C 145 -14.36 -16.80 24.29
N SER C 146 -13.74 -16.21 25.29
CA SER C 146 -14.17 -16.47 26.67
C SER C 146 -14.93 -15.27 27.22
N VAL C 147 -15.98 -15.58 27.97
CA VAL C 147 -16.82 -14.54 28.49
C VAL C 147 -16.32 -14.32 29.87
N ASP C 148 -15.59 -13.23 30.01
CA ASP C 148 -15.09 -12.87 31.29
C ASP C 148 -15.94 -11.73 31.79
N TYR C 149 -16.59 -11.93 32.91
CA TYR C 149 -17.32 -10.86 33.53
C TYR C 149 -16.44 -10.29 34.65
N GLN C 150 -16.54 -8.99 34.83
CA GLN C 150 -15.87 -8.27 35.90
C GLN C 150 -15.89 -8.95 37.27
N ASP C 151 -14.77 -8.91 37.97
CA ASP C 151 -14.66 -9.46 39.34
C ASP C 151 -15.06 -8.37 40.33
N PRO C 152 -15.49 -8.79 41.52
CA PRO C 152 -15.69 -7.75 42.50
C PRO C 152 -14.34 -7.08 42.84
N MET C 153 -14.38 -5.79 43.13
CA MET C 153 -13.26 -5.06 43.70
C MET C 153 -13.21 -5.42 45.19
N VAL C 154 -12.06 -5.87 45.69
CA VAL C 154 -11.94 -6.41 47.04
C VAL C 154 -10.82 -5.75 47.83
N HIS C 155 -11.16 -5.18 48.99
CA HIS C 155 -10.20 -4.60 49.88
C HIS C 155 -10.60 -5.01 51.29
N GLY C 156 -9.86 -5.95 51.87
CA GLY C 156 -10.23 -6.55 53.14
C GLY C 156 -11.56 -7.25 53.00
N ASP C 157 -12.46 -6.97 53.95
CA ASP C 157 -13.83 -7.49 53.91
C ASP C 157 -14.75 -6.71 52.97
N SER C 158 -14.35 -5.49 52.58
CA SER C 158 -15.12 -4.75 51.59
C SER C 158 -14.99 -5.37 50.21
N ASN C 159 -16.12 -5.76 49.63
CA ASN C 159 -16.15 -6.37 48.30
C ASN C 159 -17.49 -6.11 47.65
N ILE C 160 -17.44 -5.61 46.42
CA ILE C 160 -18.62 -5.06 45.76
C ILE C 160 -18.46 -5.06 44.24
N GLN C 161 -19.57 -5.13 43.53
CA GLN C 161 -19.60 -4.97 42.10
C GLN C 161 -20.96 -4.50 41.62
N SER C 162 -20.97 -3.77 40.52
CA SER C 162 -22.24 -3.27 39.97
C SER C 162 -22.24 -3.18 38.46
N ILE C 163 -23.44 -3.08 37.89
CA ILE C 163 -23.61 -2.82 36.46
C ILE C 163 -24.88 -2.04 36.22
N PHE C 164 -24.92 -1.35 35.09
CA PHE C 164 -26.15 -0.88 34.53
C PHE C 164 -26.82 -2.03 33.82
N THR C 165 -28.14 -2.09 33.86
CA THR C 165 -28.89 -3.19 33.24
C THR C 165 -30.04 -2.75 32.36
N LYS C 166 -30.70 -1.64 32.69
CA LYS C 166 -31.76 -1.10 31.84
C LYS C 166 -31.77 0.43 31.74
N LEU C 167 -31.80 0.93 30.51
CA LEU C 167 -31.89 2.38 30.23
C LEU C 167 -33.27 2.71 29.69
N ASP C 168 -33.94 3.68 30.32
CA ASP C 168 -35.26 4.14 29.86
C ASP C 168 -35.15 5.60 29.47
N GLU C 169 -34.76 5.85 28.21
CA GLU C 169 -34.59 7.23 27.73
C GLU C 169 -35.90 8.04 27.71
N ASN C 170 -37.00 7.36 27.93
CA ASN C 170 -38.30 7.93 27.95
C ASN C 170 -38.71 8.53 29.25
N LYS C 171 -38.34 7.89 30.31
CA LYS C 171 -38.54 8.45 31.65
C LYS C 171 -37.28 9.01 32.20
N GLN C 172 -36.23 8.90 31.41
CA GLN C 172 -34.90 9.32 31.78
C GLN C 172 -34.40 8.70 33.10
N THR C 173 -34.53 7.36 33.18
CA THR C 173 -33.94 6.59 34.29
C THR C 173 -32.86 5.62 33.84
N ILE C 174 -32.01 5.24 34.80
CA ILE C 174 -31.05 4.21 34.60
C ILE C 174 -31.16 3.21 35.74
N GLU C 175 -31.21 1.90 35.42
CA GLU C 175 -31.19 0.88 36.48
C GLU C 175 -29.77 0.34 36.67
N GLN C 176 -29.36 0.27 37.92
CA GLN C 176 -28.10 -0.30 38.32
C GLN C 176 -28.37 -1.48 39.29
N GLN C 177 -27.63 -2.55 39.13
CA GLN C 177 -27.73 -3.64 40.09
C GLN C 177 -26.38 -3.86 40.75
N ILE C 178 -26.38 -3.75 42.07
CA ILE C 178 -25.21 -3.83 42.91
C ILE C 178 -25.20 -5.12 43.78
N TYR C 179 -24.10 -5.87 43.70
CA TYR C 179 -23.82 -6.99 44.61
C TYR C 179 -23.02 -6.48 45.81
N VAL C 180 -23.62 -6.50 46.98
CA VAL C 180 -22.91 -6.16 48.22
C VAL C 180 -22.44 -7.46 48.86
N ASN C 181 -21.17 -7.48 49.23
CA ASN C 181 -20.53 -8.66 49.85
C ASN C 181 -20.84 -9.98 49.09
N PRO C 182 -20.60 -10.02 47.77
CA PRO C 182 -20.86 -11.24 47.05
C PRO C 182 -20.04 -12.38 47.53
N LEU C 183 -18.86 -12.10 48.06
CA LEU C 183 -18.01 -13.19 48.61
C LEU C 183 -18.59 -13.79 49.90
N LYS C 184 -19.65 -13.21 50.44
CA LYS C 184 -20.27 -13.68 51.67
C LYS C 184 -19.28 -13.70 52.88
N LYS C 185 -18.46 -12.66 52.99
CA LYS C 185 -17.60 -12.52 54.16
C LYS C 185 -18.38 -12.04 55.35
N THR C 186 -17.78 -12.15 56.53
CA THR C 186 -18.29 -11.47 57.71
C THR C 186 -17.69 -10.08 57.68
N ALA C 187 -18.54 -9.05 57.67
CA ALA C 187 -18.05 -7.68 57.52
C ALA C 187 -18.60 -6.80 58.59
N THR C 188 -17.70 -6.16 59.33
CA THR C 188 -18.02 -5.30 60.42
C THR C 188 -18.43 -3.89 60.02
N ASN C 189 -19.53 -3.40 60.60
CA ASN C 189 -19.98 -2.01 60.43
C ASN C 189 -20.05 -1.58 58.95
N THR C 190 -20.61 -2.48 58.15
CA THR C 190 -20.71 -2.26 56.72
C THR C 190 -21.56 -1.04 56.33
N LYS C 191 -20.96 -0.13 55.57
CA LYS C 191 -21.62 1.06 55.05
C LYS C 191 -21.55 1.01 53.53
N VAL C 192 -22.67 1.25 52.87
CA VAL C 192 -22.72 1.30 51.45
C VAL C 192 -23.22 2.67 50.94
N ASP C 193 -22.36 3.33 50.18
CA ASP C 193 -22.69 4.56 49.51
C ASP C 193 -23.15 4.30 48.09
N ILE C 194 -24.09 5.12 47.64
CA ILE C 194 -24.43 5.19 46.23
C ILE C 194 -24.35 6.66 45.84
N ALA C 195 -23.55 6.94 44.82
CA ALA C 195 -23.28 8.31 44.36
C ALA C 195 -23.62 8.52 42.89
N GLY C 196 -24.25 9.65 42.61
CA GLY C 196 -24.61 10.02 41.22
C GLY C 196 -23.40 10.53 40.43
N SER C 197 -22.34 9.74 40.43
CA SER C 197 -21.05 10.15 39.89
C SER C 197 -20.14 8.95 39.88
N GLN C 198 -19.15 8.98 38.99
CA GLN C 198 -18.10 8.01 39.00
C GLN C 198 -17.42 8.01 40.37
N VAL C 199 -16.87 6.86 40.74
CA VAL C 199 -16.16 6.67 41.98
C VAL C 199 -14.97 5.79 41.66
N ASP C 200 -13.83 6.00 42.33
CA ASP C 200 -12.64 5.16 42.09
C ASP C 200 -12.72 3.82 42.84
N ASP C 201 -11.66 3.03 42.78
CA ASP C 201 -11.71 1.67 43.36
C ASP C 201 -11.73 1.65 44.90
N TYR C 202 -11.45 2.81 45.50
CA TYR C 202 -11.44 3.00 46.94
C TYR C 202 -12.61 3.89 47.37
N GLY C 203 -13.59 4.08 46.52
CA GLY C 203 -14.76 4.87 46.92
C GLY C 203 -14.64 6.39 46.80
N ASN C 204 -13.52 6.90 46.33
CA ASN C 204 -13.43 8.38 46.25
C ASN C 204 -14.29 8.86 45.10
N ILE C 205 -15.22 9.74 45.41
CA ILE C 205 -16.09 10.35 44.41
C ILE C 205 -15.25 11.14 43.41
N LYS C 206 -15.40 10.84 42.14
CA LYS C 206 -14.53 11.40 41.13
C LYS C 206 -15.40 12.14 40.19
N LEU C 207 -15.74 13.34 40.61
CA LEU C 207 -16.65 14.17 39.83
C LEU C 207 -16.08 14.64 38.47
N GLY C 208 -17.01 14.86 37.53
CA GLY C 208 -16.70 15.38 36.21
C GLY C 208 -16.74 14.36 35.07
N ASN C 209 -17.09 13.10 35.40
CA ASN C 209 -17.10 12.05 34.40
C ASN C 209 -18.49 11.39 34.22
N GLY C 210 -19.52 12.22 34.21
CA GLY C 210 -20.90 11.74 34.13
C GLY C 210 -21.64 11.84 35.46
N SER C 211 -22.98 11.74 35.43
CA SER C 211 -23.76 11.84 36.65
C SER C 211 -25.13 11.20 36.60
N THR C 212 -25.73 11.08 37.78
CA THR C 212 -27.12 10.74 37.95
C THR C 212 -27.67 11.52 39.13
N ILE C 213 -28.96 11.40 39.34
CA ILE C 213 -29.59 12.00 40.49
C ILE C 213 -29.92 10.93 41.54
N ILE C 214 -29.26 11.06 42.68
CA ILE C 214 -29.48 10.16 43.83
C ILE C 214 -30.00 10.95 44.99
N ASP C 215 -31.30 10.77 45.24
CA ASP C 215 -31.94 11.36 46.42
C ASP C 215 -33.00 10.43 46.97
N GLN C 216 -33.85 10.99 47.85
CA GLN C 216 -34.97 10.27 48.50
C GLN C 216 -35.99 9.65 47.59
N ASN C 217 -36.20 10.24 46.42
CA ASN C 217 -37.16 9.71 45.44
C ASN C 217 -36.53 8.68 44.49
N THR C 218 -35.26 8.39 44.67
CA THR C 218 -34.62 7.30 43.93
C THR C 218 -35.17 5.96 44.39
N GLU C 219 -35.59 5.12 43.44
CA GLU C 219 -36.03 3.77 43.77
C GLU C 219 -34.80 2.98 44.24
N MET C 220 -34.89 2.43 45.43
CA MET C 220 -33.86 1.50 45.90
C MET C 220 -34.51 0.31 46.60
N LYS C 221 -34.34 -0.90 46.05
CA LYS C 221 -34.81 -2.10 46.73
C LYS C 221 -33.60 -2.87 47.19
N VAL C 222 -33.74 -3.55 48.31
CA VAL C 222 -32.65 -4.34 48.84
C VAL C 222 -33.10 -5.78 49.11
N TYR C 223 -32.25 -6.72 48.74
CA TYR C 223 -32.56 -8.12 48.82
C TYR C 223 -31.44 -8.82 49.59
N LYS C 224 -31.80 -9.77 50.46
CA LYS C 224 -30.83 -10.57 51.15
C LYS C 224 -30.65 -11.93 50.47
N VAL C 225 -29.40 -12.30 50.23
CA VAL C 225 -29.10 -13.54 49.56
C VAL C 225 -28.81 -14.62 50.60
N ASN C 226 -29.46 -15.75 50.43
CA ASN C 226 -29.18 -16.92 51.28
C ASN C 226 -27.80 -17.49 51.05
N PRO C 227 -27.23 -18.10 52.11
CA PRO C 227 -25.98 -18.85 52.06
C PRO C 227 -25.88 -19.84 50.89
N ASN C 228 -27.01 -20.44 50.58
CA ASN C 228 -27.07 -21.43 49.56
C ASN C 228 -27.47 -20.91 48.17
N GLN C 229 -27.67 -19.61 48.02
CA GLN C 229 -28.00 -19.04 46.71
C GLN C 229 -26.76 -18.41 46.15
N GLN C 230 -26.42 -18.76 44.90
CA GLN C 230 -25.27 -18.17 44.23
C GLN C 230 -25.72 -17.10 43.23
N LEU C 231 -24.98 -16.00 43.15
CA LEU C 231 -25.37 -14.93 42.25
C LEU C 231 -24.71 -15.08 40.88
N PRO C 232 -25.48 -14.79 39.80
CA PRO C 232 -24.94 -14.90 38.45
C PRO C 232 -23.70 -14.00 38.29
N GLN C 233 -22.64 -14.58 37.77
CA GLN C 233 -21.36 -13.85 37.65
C GLN C 233 -21.47 -12.65 36.73
N SER C 234 -22.46 -12.67 35.85
CA SER C 234 -22.75 -11.56 34.95
C SER C 234 -23.22 -10.30 35.65
N ASN C 235 -23.53 -10.42 36.95
CA ASN C 235 -23.96 -9.29 37.78
C ASN C 235 -25.41 -8.91 37.49
N ARG C 236 -26.06 -9.64 36.57
CA ARG C 236 -27.40 -9.25 36.16
C ARG C 236 -28.50 -10.21 36.62
N ILE C 237 -29.40 -9.71 37.47
CA ILE C 237 -30.57 -10.48 37.91
C ILE C 237 -31.80 -10.25 37.03
N TYR C 238 -32.39 -11.37 36.57
CA TYR C 238 -33.62 -11.36 35.74
C TYR C 238 -34.91 -11.70 36.49
N ASP C 239 -34.79 -12.32 37.66
CA ASP C 239 -35.95 -12.68 38.48
C ASP C 239 -35.67 -12.34 39.95
N PHE C 240 -36.15 -11.20 40.42
CA PHE C 240 -35.89 -10.80 41.80
C PHE C 240 -36.77 -11.52 42.84
N SER C 241 -37.73 -12.29 42.36
CA SER C 241 -38.79 -12.79 43.22
C SER C 241 -38.21 -13.80 44.18
N GLN C 242 -37.22 -14.54 43.70
CA GLN C 242 -36.60 -15.62 44.45
C GLN C 242 -35.66 -15.12 45.55
N TYR C 243 -35.48 -13.81 45.67
CA TYR C 243 -34.64 -13.25 46.72
C TYR C 243 -35.49 -12.56 47.76
N GLU C 244 -35.18 -12.86 49.02
CA GLU C 244 -35.83 -12.21 50.16
C GLU C 244 -35.72 -10.67 50.06
N ASP C 245 -36.86 -9.99 49.97
CA ASP C 245 -36.91 -8.54 49.91
C ASP C 245 -36.90 -7.93 51.32
N VAL C 246 -35.82 -7.24 51.65
CA VAL C 246 -35.60 -6.67 52.98
C VAL C 246 -35.57 -5.15 52.94
N THR C 247 -36.12 -4.56 51.88
CA THR C 247 -36.10 -3.10 51.67
C THR C 247 -36.56 -2.29 52.87
N SER C 248 -37.73 -2.64 53.39
CA SER C 248 -38.36 -1.94 54.54
C SER C 248 -37.47 -1.89 55.78
N GLN C 249 -36.63 -2.91 55.95
CA GLN C 249 -35.64 -2.91 57.03
C GLN C 249 -34.54 -1.85 56.90
N PHE C 250 -34.47 -1.17 55.77
CA PHE C 250 -33.53 -0.08 55.59
C PHE C 250 -34.24 1.24 55.70
N ASP C 251 -35.53 1.21 56.00
CA ASP C 251 -36.31 2.45 56.10
C ASP C 251 -35.69 3.44 57.06
N ASN C 252 -35.14 3.00 58.18
CA ASN C 252 -34.48 3.94 59.09
C ASN C 252 -32.97 3.83 59.08
N LYS C 253 -32.41 3.29 58.01
CA LYS C 253 -30.97 3.12 57.90
C LYS C 253 -30.38 3.74 56.64
N LYS C 254 -31.07 4.72 56.09
CA LYS C 254 -30.64 5.40 54.90
C LYS C 254 -30.50 6.87 55.18
N SER C 255 -29.52 7.51 54.57
CA SER C 255 -29.47 8.98 54.59
C SER C 255 -28.95 9.53 53.26
N PHE C 256 -29.48 10.67 52.88
CA PHE C 256 -29.13 11.34 51.65
C PHE C 256 -28.49 12.69 51.92
N SER C 257 -27.39 12.98 51.24
CA SER C 257 -26.68 14.24 51.38
C SER C 257 -25.83 14.46 50.14
N ASN C 258 -26.09 15.59 49.48
CA ASN C 258 -25.28 16.05 48.34
C ASN C 258 -25.10 15.02 47.20
N ASN C 259 -26.21 14.46 46.75
CA ASN C 259 -26.26 13.48 45.66
C ASN C 259 -25.60 12.14 45.98
N VAL C 260 -25.45 11.84 47.27
CA VAL C 260 -24.98 10.54 47.75
C VAL C 260 -25.93 9.92 48.80
N ALA C 261 -26.29 8.66 48.56
CA ALA C 261 -27.04 7.87 49.51
C ALA C 261 -26.08 7.04 50.33
N THR C 262 -26.29 7.00 51.64
CA THR C 262 -25.58 6.04 52.49
C THR C 262 -26.56 5.01 53.09
N LEU C 263 -26.21 3.73 53.04
CA LEU C 263 -27.06 2.62 53.58
C LEU C 263 -26.31 1.90 54.66
N ASP C 264 -26.88 1.93 55.85
CA ASP C 264 -26.26 1.38 57.03
C ASP C 264 -26.61 -0.12 57.17
N PHE C 265 -25.72 -0.98 56.69
CA PHE C 265 -25.93 -2.43 56.82
C PHE C 265 -25.49 -3.04 58.18
N GLY C 266 -24.55 -2.38 58.88
CA GLY C 266 -24.03 -2.97 60.12
C GLY C 266 -23.19 -4.21 59.86
N ASP C 267 -23.16 -5.11 60.82
CA ASP C 267 -22.36 -6.31 60.74
C ASP C 267 -23.10 -7.34 59.91
N ILE C 268 -22.54 -7.78 58.79
CA ILE C 268 -23.24 -8.73 57.97
C ILE C 268 -22.41 -9.96 57.79
N ASN C 269 -23.06 -11.00 57.28
CA ASN C 269 -22.37 -12.20 56.83
C ASN C 269 -22.91 -12.77 55.54
N SER C 270 -23.77 -12.02 54.87
CA SER C 270 -24.46 -12.50 53.68
C SER C 270 -24.29 -11.50 52.56
N ALA C 271 -24.57 -11.97 51.34
CA ALA C 271 -24.57 -11.12 50.20
C ALA C 271 -25.93 -10.46 50.13
N TYR C 272 -25.95 -9.29 49.51
CA TYR C 272 -27.15 -8.53 49.30
C TYR C 272 -27.17 -8.00 47.88
N ILE C 273 -28.36 -7.82 47.32
CA ILE C 273 -28.50 -7.13 46.09
C ILE C 273 -29.21 -5.81 46.33
N ILE C 274 -28.69 -4.72 45.75
CA ILE C 274 -29.39 -3.43 45.75
C ILE C 274 -29.77 -3.18 44.30
N LYS C 275 -31.05 -2.91 44.08
CA LYS C 275 -31.58 -2.50 42.79
C LYS C 275 -31.82 -1.01 42.86
N VAL C 276 -31.15 -0.23 42.00
CA VAL C 276 -31.29 1.21 41.97
C VAL C 276 -31.88 1.66 40.64
N VAL C 277 -32.96 2.45 40.69
CA VAL C 277 -33.50 3.17 39.54
C VAL C 277 -33.44 4.69 39.81
N SER C 278 -32.48 5.34 39.16
CA SER C 278 -32.25 6.76 39.36
C SER C 278 -32.56 7.58 38.11
N LYS C 279 -32.79 8.87 38.32
CA LYS C 279 -33.02 9.79 37.21
C LYS C 279 -31.68 10.27 36.75
N TYR C 280 -31.59 10.56 35.44
CA TYR C 280 -30.43 11.25 34.90
C TYR C 280 -30.86 12.48 34.09
N THR C 281 -29.88 13.21 33.57
CA THR C 281 -30.13 14.43 32.77
C THR C 281 -29.39 14.39 31.44
N PRO C 282 -30.12 14.33 30.32
CA PRO C 282 -29.46 14.41 29.01
C PRO C 282 -29.00 15.85 28.75
N THR C 283 -27.96 15.99 27.93
CA THR C 283 -27.45 17.30 27.61
C THR C 283 -28.44 17.99 26.68
N SER C 284 -28.21 19.29 26.45
CA SER C 284 -28.83 20.02 25.33
C SER C 284 -28.66 19.31 23.97
N ASP C 285 -27.46 18.79 23.70
CA ASP C 285 -27.23 17.90 22.53
C ASP C 285 -28.27 16.78 22.40
N GLY C 286 -28.85 16.33 23.52
CA GLY C 286 -29.64 15.09 23.57
C GLY C 286 -28.77 13.85 23.87
N GLU C 287 -27.47 14.07 24.07
CA GLU C 287 -26.52 13.01 24.36
C GLU C 287 -26.56 12.61 25.83
N LEU C 288 -25.95 11.47 26.12
CA LEU C 288 -25.91 10.94 27.48
C LEU C 288 -24.52 11.05 28.08
N ASP C 289 -24.48 11.41 29.35
CA ASP C 289 -23.25 11.39 30.15
C ASP C 289 -23.58 10.89 31.56
N ILE C 290 -24.05 9.64 31.58
CA ILE C 290 -24.51 8.97 32.78
C ILE C 290 -23.33 8.24 33.46
N ALA C 291 -23.06 8.60 34.71
CA ALA C 291 -22.19 7.81 35.56
C ALA C 291 -22.78 7.72 36.94
N GLN C 292 -22.62 6.53 37.55
CA GLN C 292 -23.07 6.28 38.91
C GLN C 292 -22.16 5.25 39.57
N GLY C 293 -21.89 5.47 40.85
CA GLY C 293 -20.90 4.68 41.55
C GLY C 293 -21.36 4.18 42.89
N THR C 294 -20.60 3.24 43.45
CA THR C 294 -20.95 2.66 44.74
C THR C 294 -19.71 2.18 45.51
N SER C 295 -19.80 2.16 46.85
CA SER C 295 -18.71 1.75 47.69
C SER C 295 -19.16 0.96 48.95
N MET C 296 -18.36 -0.01 49.33
CA MET C 296 -18.56 -0.72 50.57
C MET C 296 -17.43 -0.30 51.52
N ARG C 297 -17.81 0.25 52.68
CA ARG C 297 -16.85 0.40 53.78
C ARG C 297 -17.09 -0.63 54.88
N THR C 298 -15.99 -1.22 55.35
CA THR C 298 -15.97 -2.11 56.48
C THR C 298 -14.85 -1.78 57.48
N THR C 299 -14.98 -2.31 58.68
CA THR C 299 -13.97 -2.03 59.70
C THR C 299 -13.10 -3.23 59.89
N ASP C 300 -11.78 -3.04 59.79
CA ASP C 300 -10.84 -4.16 59.93
C ASP C 300 -10.53 -4.43 61.39
N LYS C 301 -9.66 -5.41 61.63
CA LYS C 301 -9.39 -5.93 62.94
C LYS C 301 -8.59 -4.99 63.81
N TYR C 302 -8.01 -3.96 63.21
CA TYR C 302 -7.27 -2.92 63.93
C TYR C 302 -8.07 -1.61 64.06
N GLY C 303 -9.32 -1.65 63.63
CA GLY C 303 -10.21 -0.47 63.69
C GLY C 303 -10.09 0.49 62.50
N TYR C 304 -9.23 0.19 61.56
CA TYR C 304 -9.13 1.02 60.36
C TYR C 304 -10.20 0.65 59.35
N TYR C 305 -10.60 1.64 58.56
CA TYR C 305 -11.59 1.42 57.51
C TYR C 305 -10.97 0.83 56.24
N ASN C 306 -11.77 0.04 55.53
CA ASN C 306 -11.41 -0.43 54.20
C ASN C 306 -12.53 -0.10 53.26
N TYR C 307 -12.17 0.51 52.14
CA TYR C 307 -13.12 0.89 51.15
C TYR C 307 -12.89 0.12 49.87
N ALA C 308 -13.99 -0.28 49.24
CA ALA C 308 -13.98 -0.89 47.92
C ALA C 308 -15.08 -0.25 47.10
N GLY C 309 -14.72 0.24 45.91
CA GLY C 309 -15.64 1.00 45.08
C GLY C 309 -15.88 0.35 43.73
N TYR C 310 -16.98 0.71 43.08
CA TYR C 310 -17.33 0.30 41.74
C TYR C 310 -18.06 1.40 41.03
N SER C 311 -18.00 1.41 39.70
CA SER C 311 -18.48 2.50 38.91
C SER C 311 -18.94 2.06 37.51
N ASN C 312 -20.09 2.57 37.06
CA ASN C 312 -20.65 2.28 35.77
C ASN C 312 -20.93 3.61 35.02
N PHE C 313 -21.01 3.55 33.71
CA PHE C 313 -21.22 4.75 32.94
C PHE C 313 -21.70 4.40 31.53
N ILE C 314 -22.40 5.34 30.93
CA ILE C 314 -22.76 5.29 29.53
C ILE C 314 -22.55 6.70 28.97
N VAL C 315 -21.71 6.82 27.95
CA VAL C 315 -21.41 8.11 27.35
C VAL C 315 -21.55 8.06 25.84
N THR C 316 -22.41 8.93 25.34
CA THR C 316 -22.55 9.17 23.92
C THR C 316 -22.26 10.65 23.69
N SER C 317 -21.41 10.98 22.72
CA SER C 317 -21.09 12.41 22.40
C SER C 317 -20.48 12.63 21.00
N ASN D 4 16.41 6.21 70.86
CA ASN D 4 16.75 4.78 70.59
C ASN D 4 15.99 4.18 69.38
N ASN D 5 16.63 3.19 68.75
CA ASN D 5 16.04 2.44 67.67
C ASN D 5 15.32 1.19 68.18
N VAL D 6 14.01 1.13 67.95
CA VAL D 6 13.17 0.14 68.59
C VAL D 6 12.49 -0.81 67.60
N ASN D 7 13.18 -1.05 66.49
CA ASN D 7 12.70 -1.99 65.49
C ASN D 7 12.36 -3.37 66.07
N ASP D 8 13.13 -3.81 67.03
CA ASP D 8 12.84 -5.11 67.62
C ASP D 8 11.70 -5.11 68.66
N LEU D 9 11.17 -3.94 69.02
CA LEU D 9 9.92 -3.85 69.81
C LEU D 9 8.65 -3.77 68.94
N ILE D 10 8.86 -3.70 67.62
CA ILE D 10 7.79 -3.70 66.65
C ILE D 10 7.54 -5.14 66.16
N THR D 11 6.31 -5.57 66.26
CA THR D 11 5.88 -6.83 65.70
C THR D 11 4.99 -6.66 64.52
N VAL D 12 5.43 -7.27 63.45
CA VAL D 12 4.71 -7.19 62.20
C VAL D 12 3.73 -8.34 62.05
N THR D 13 2.47 -8.00 61.85
CA THR D 13 1.42 -8.98 61.79
C THR D 13 0.92 -9.17 60.35
N LYS D 14 1.15 -8.18 59.50
CA LYS D 14 0.76 -8.27 58.09
C LYS D 14 1.61 -7.30 57.27
N GLN D 15 1.92 -7.73 56.04
CA GLN D 15 2.94 -7.10 55.25
C GLN D 15 2.75 -7.51 53.79
N THR D 16 2.09 -6.70 52.97
CA THR D 16 1.83 -7.09 51.61
C THR D 16 2.29 -6.10 50.56
N ILE D 17 2.65 -6.67 49.42
CA ILE D 17 3.10 -5.91 48.26
C ILE D 17 2.19 -6.24 47.11
N LYS D 18 1.54 -5.25 46.54
CA LYS D 18 0.62 -5.42 45.40
C LYS D 18 0.82 -4.35 44.34
N VAL D 19 0.59 -4.75 43.09
CA VAL D 19 0.51 -3.84 41.97
C VAL D 19 -0.82 -3.17 42.07
N GLY D 20 -0.84 -1.86 41.87
CA GLY D 20 -2.08 -1.10 41.91
C GLY D 20 -2.19 -0.10 40.80
N ASP D 21 -3.24 0.70 40.85
CA ASP D 21 -3.54 1.63 39.79
C ASP D 21 -3.29 3.03 40.33
N GLY D 22 -2.46 3.80 39.64
CA GLY D 22 -2.05 5.09 40.15
C GLY D 22 -3.23 6.06 40.20
N LYS D 23 -4.30 5.69 39.53
CA LYS D 23 -5.51 6.49 39.52
C LYS D 23 -6.12 6.50 40.92
N ASP D 24 -5.87 5.43 41.70
CA ASP D 24 -6.48 5.26 43.02
C ASP D 24 -5.70 5.95 44.17
N ASN D 25 -4.47 6.37 43.87
CA ASN D 25 -3.61 7.14 44.78
C ASN D 25 -3.97 8.62 44.76
N VAL D 26 -5.07 8.94 45.44
CA VAL D 26 -5.74 10.24 45.37
C VAL D 26 -4.82 11.42 45.66
N ALA D 27 -3.85 11.25 46.54
CA ALA D 27 -2.94 12.37 46.91
C ALA D 27 -2.22 12.98 45.72
N ALA D 28 -1.83 12.12 44.80
CA ALA D 28 -1.05 12.51 43.62
C ALA D 28 -1.41 11.54 42.48
N ALA D 29 -2.65 11.61 42.07
CA ALA D 29 -3.18 10.68 41.10
C ALA D 29 -2.66 10.92 39.68
N HIS D 30 -2.27 9.85 39.02
CA HIS D 30 -1.97 9.82 37.62
C HIS D 30 -2.20 8.53 36.85
N ASP D 31 -2.10 8.54 35.55
CA ASP D 31 -2.36 7.31 34.84
C ASP D 31 -1.16 6.41 35.01
N GLY D 32 -1.37 5.12 34.83
CA GLY D 32 -0.33 4.11 35.05
C GLY D 32 -0.55 3.23 36.27
N LYS D 33 0.48 2.46 36.58
CA LYS D 33 0.47 1.57 37.71
C LYS D 33 1.46 1.96 38.77
N ASP D 34 1.22 1.50 39.96
CA ASP D 34 2.08 1.80 41.07
C ASP D 34 2.22 0.56 41.96
N ILE D 35 3.00 0.68 43.05
CA ILE D 35 3.19 -0.41 44.00
C ILE D 35 2.66 -0.02 45.40
N GLU D 36 1.73 -0.83 45.91
CA GLU D 36 1.18 -0.60 47.20
C GLU D 36 1.89 -1.50 48.17
N TYR D 37 2.42 -0.88 49.25
CA TYR D 37 2.90 -1.58 50.41
C TYR D 37 1.99 -1.34 51.61
N ASP D 38 1.29 -2.37 52.08
CA ASP D 38 0.40 -2.25 53.25
C ASP D 38 0.88 -3.08 54.42
N THR D 39 1.00 -2.43 55.59
CA THR D 39 1.63 -3.04 56.79
C THR D 39 0.89 -2.71 58.10
N GLU D 40 0.69 -3.74 58.91
CA GLU D 40 0.09 -3.59 60.22
C GLU D 40 1.04 -4.21 61.20
N PHE D 41 1.13 -3.60 62.38
CA PHE D 41 2.02 -4.03 63.43
C PHE D 41 1.56 -3.54 64.79
N THR D 42 2.09 -4.13 65.87
CA THR D 42 1.83 -3.67 67.24
C THR D 42 3.10 -3.12 67.84
N ILE D 43 2.92 -2.14 68.73
CA ILE D 43 4.05 -1.47 69.37
C ILE D 43 4.15 -1.92 70.82
N ASP D 44 5.31 -2.45 71.21
CA ASP D 44 5.52 -2.81 72.59
C ASP D 44 5.36 -1.58 73.45
N ASN D 45 4.82 -1.79 74.66
CA ASN D 45 4.55 -0.68 75.61
C ASN D 45 5.81 0.09 76.05
N LYS D 46 6.93 -0.60 76.14
CA LYS D 46 8.26 0.04 76.38
C LYS D 46 8.67 1.18 75.44
N VAL D 47 8.17 1.16 74.21
CA VAL D 47 8.45 2.22 73.27
C VAL D 47 7.99 3.58 73.85
N LYS D 48 8.82 4.60 73.71
CA LYS D 48 8.51 5.92 74.28
C LYS D 48 8.81 7.04 73.29
N LYS D 49 8.45 8.26 73.64
CA LYS D 49 8.55 9.39 72.75
C LYS D 49 10.00 9.52 72.33
N GLY D 50 10.22 9.97 71.10
CA GLY D 50 11.56 10.10 70.56
C GLY D 50 12.18 8.85 69.97
N ASP D 51 11.65 7.68 70.30
CA ASP D 51 12.18 6.45 69.75
C ASP D 51 11.85 6.38 68.25
N THR D 52 12.51 5.47 67.55
CA THR D 52 12.41 5.44 66.09
C THR D 52 12.21 4.04 65.59
N MET D 53 11.58 3.95 64.42
CA MET D 53 11.47 2.72 63.66
C MET D 53 11.63 3.06 62.19
N THR D 54 11.96 2.07 61.38
CA THR D 54 12.22 2.30 59.97
C THR D 54 11.27 1.53 59.08
N ILE D 55 11.13 2.02 57.86
CA ILE D 55 10.55 1.25 56.78
C ILE D 55 11.43 1.30 55.53
N ASN D 56 11.62 0.15 54.88
CA ASN D 56 12.45 0.06 53.67
C ASN D 56 11.65 -0.20 52.43
N TYR D 57 11.93 0.58 51.39
CA TYR D 57 11.36 0.36 50.07
C TYR D 57 12.32 -0.53 49.31
N ASP D 58 11.79 -1.21 48.30
CA ASP D 58 12.63 -1.96 47.36
C ASP D 58 13.56 -1.05 46.59
N LYS D 59 14.74 -1.53 46.28
CA LYS D 59 15.73 -0.70 45.63
C LYS D 59 15.30 -0.25 44.24
N ASN D 60 14.30 -0.91 43.65
CA ASN D 60 13.81 -0.52 42.33
C ASN D 60 12.50 0.20 42.30
N VAL D 61 12.10 0.76 43.43
CA VAL D 61 10.91 1.61 43.43
C VAL D 61 11.30 3.02 43.87
N ILE D 62 10.44 3.96 43.52
CA ILE D 62 10.58 5.37 43.91
C ILE D 62 9.26 5.80 44.48
N PRO D 63 9.27 6.53 45.57
CA PRO D 63 8.03 7.03 46.15
C PRO D 63 7.20 7.94 45.24
N SER D 64 7.84 8.72 44.34
CA SER D 64 7.16 9.35 43.18
C SER D 64 7.92 9.25 41.84
N ASP D 65 7.25 8.81 40.77
CA ASP D 65 7.86 8.69 39.44
C ASP D 65 7.74 9.97 38.59
N LEU D 66 7.31 11.09 39.19
CA LEU D 66 7.23 12.34 38.41
C LEU D 66 8.08 13.46 39.00
N THR D 67 8.28 13.36 40.30
CA THR D 67 8.99 14.36 41.09
C THR D 67 9.91 13.66 42.10
N ASP D 68 10.48 14.42 43.02
CA ASP D 68 11.00 13.82 44.25
C ASP D 68 10.36 14.53 45.47
N LYS D 69 9.06 14.81 45.37
CA LYS D 69 8.24 15.08 46.52
C LYS D 69 8.23 13.73 47.21
N ASN D 70 8.91 13.66 48.35
CA ASN D 70 9.15 12.39 49.01
C ASN D 70 8.65 12.36 50.47
N ASP D 71 8.02 13.46 50.89
CA ASP D 71 7.46 13.56 52.25
C ASP D 71 6.57 12.36 52.64
N PRO D 72 7.06 11.53 53.57
CA PRO D 72 6.30 10.39 54.09
C PRO D 72 5.12 10.83 54.94
N ILE D 73 4.02 10.14 54.82
CA ILE D 73 2.82 10.37 55.64
C ILE D 73 3.05 9.85 57.03
N ASP D 74 2.38 10.49 57.97
CA ASP D 74 2.37 10.07 59.35
C ASP D 74 1.73 8.69 59.55
N ILE D 75 2.20 7.99 60.56
CA ILE D 75 1.49 6.86 61.07
C ILE D 75 0.43 7.48 62.01
N THR D 76 -0.82 7.11 61.81
CA THR D 76 -1.93 7.61 62.63
C THR D 76 -2.82 6.47 63.04
N ASP D 77 -3.55 6.69 64.14
CA ASP D 77 -4.57 5.76 64.60
C ASP D 77 -5.84 5.98 63.75
N PRO D 78 -6.85 5.10 63.88
CA PRO D 78 -8.04 5.22 63.02
C PRO D 78 -8.74 6.59 63.09
N SER D 79 -8.57 7.32 64.19
CA SER D 79 -9.23 8.61 64.33
C SER D 79 -8.35 9.77 63.82
N GLY D 80 -7.17 9.46 63.29
CA GLY D 80 -6.28 10.48 62.74
C GLY D 80 -5.22 11.07 63.66
N GLU D 81 -5.21 10.63 64.92
CA GLU D 81 -4.21 11.08 65.87
C GLU D 81 -2.78 10.53 65.55
N VAL D 82 -1.77 11.41 65.61
CA VAL D 82 -0.42 11.07 65.14
C VAL D 82 0.41 10.19 66.08
N ILE D 83 0.76 9.01 65.60
CA ILE D 83 1.59 8.10 66.33
C ILE D 83 3.07 8.39 66.05
N ALA D 84 3.39 8.76 64.81
CA ALA D 84 4.77 9.00 64.40
C ALA D 84 4.85 9.78 63.11
N LYS D 85 5.95 10.49 62.93
CA LYS D 85 6.21 11.16 61.67
C LYS D 85 7.51 10.67 61.10
N GLY D 86 7.61 10.72 59.78
CA GLY D 86 8.74 10.15 59.07
C GLY D 86 9.51 11.13 58.24
N THR D 87 10.78 10.77 58.00
CA THR D 87 11.60 11.40 56.95
C THR D 87 12.11 10.31 56.01
N PHE D 88 12.13 10.61 54.72
CA PHE D 88 12.61 9.68 53.72
C PHE D 88 14.04 10.05 53.32
N ASP D 89 14.90 9.01 53.26
CA ASP D 89 16.28 9.17 52.87
C ASP D 89 16.53 8.45 51.52
N LYS D 90 16.68 9.24 50.46
CA LYS D 90 16.96 8.73 49.10
C LYS D 90 18.11 7.71 49.02
N ALA D 91 19.13 7.89 49.84
CA ALA D 91 20.33 7.05 49.76
C ALA D 91 20.13 5.65 50.28
N THR D 92 19.23 5.48 51.24
CA THR D 92 18.93 4.18 51.82
C THR D 92 17.57 3.64 51.37
N LYS D 93 16.81 4.48 50.69
CA LYS D 93 15.41 4.18 50.38
C LYS D 93 14.66 3.70 51.64
N GLN D 94 14.88 4.43 52.71
CA GLN D 94 14.36 4.07 54.00
C GLN D 94 13.64 5.25 54.65
N ILE D 95 12.43 5.02 55.15
CA ILE D 95 11.74 6.03 55.97
C ILE D 95 12.13 5.82 57.41
N THR D 96 12.49 6.93 58.06
CA THR D 96 12.71 6.89 59.50
C THR D 96 11.55 7.61 60.25
N TYR D 97 10.81 6.84 61.06
CA TYR D 97 9.66 7.31 61.79
C TYR D 97 10.00 7.52 63.28
N THR D 98 9.67 8.67 63.83
CA THR D 98 9.92 8.97 65.24
C THR D 98 8.59 9.06 65.98
N PHE D 99 8.42 8.30 67.05
CA PHE D 99 7.16 8.31 67.79
C PHE D 99 6.91 9.60 68.59
N THR D 100 5.69 10.12 68.47
CA THR D 100 5.20 11.17 69.33
C THR D 100 4.95 10.68 70.76
N ASP D 101 4.45 11.57 71.62
CA ASP D 101 4.09 11.23 73.01
C ASP D 101 2.86 10.33 73.07
N TYR D 102 2.34 9.99 71.90
CA TYR D 102 1.24 9.04 71.82
C TYR D 102 1.56 7.69 72.47
N VAL D 103 2.77 7.25 72.29
CA VAL D 103 3.18 5.96 72.84
C VAL D 103 3.44 6.00 74.34
N ASP D 104 3.34 7.16 74.93
CA ASP D 104 3.44 7.29 76.42
C ASP D 104 2.08 7.54 77.07
N LYS D 105 1.06 7.80 76.25
CA LYS D 105 -0.30 8.01 76.72
C LYS D 105 -1.11 6.75 76.72
N TYR D 106 -0.91 5.92 75.69
CA TYR D 106 -1.71 4.70 75.52
C TYR D 106 -0.88 3.43 75.59
N GLU D 107 -1.56 2.31 75.70
CA GLU D 107 -0.86 1.02 75.75
C GLU D 107 -1.47 0.08 74.74
N ASP D 108 -0.79 -1.06 74.57
CA ASP D 108 -1.14 -2.07 73.56
CA ASP D 108 -1.11 -2.07 73.55
C ASP D 108 -1.55 -1.42 72.24
N ILE D 109 -0.67 -0.57 71.74
CA ILE D 109 -0.94 0.23 70.57
C ILE D 109 -0.70 -0.62 69.33
N LYS D 110 -1.55 -0.48 68.33
CA LYS D 110 -1.36 -1.16 67.07
C LYS D 110 -1.45 -0.10 65.98
N ALA D 111 -0.92 -0.40 64.80
CA ALA D 111 -1.06 0.51 63.69
C ALA D 111 -1.08 -0.14 62.33
N ARG D 112 -1.54 0.65 61.35
CA ARG D 112 -1.50 0.31 59.93
C ARG D 112 -0.93 1.49 59.15
N LEU D 113 -0.22 1.15 58.09
CA LEU D 113 0.36 2.14 57.24
C LEU D 113 0.33 1.63 55.77
N THR D 114 -0.08 2.50 54.87
CA THR D 114 -0.09 2.18 53.46
C THR D 114 0.76 3.18 52.74
N LEU D 115 1.68 2.70 51.92
CA LEU D 115 2.66 3.53 51.19
C LEU D 115 2.66 3.16 49.71
N TYR D 116 2.72 4.18 48.87
CA TYR D 116 2.74 4.06 47.41
C TYR D 116 4.13 4.32 46.86
N SER D 117 4.45 3.65 45.76
CA SER D 117 5.73 3.84 45.10
C SER D 117 5.62 3.43 43.64
N TYR D 118 6.67 3.71 42.89
CA TYR D 118 6.66 3.50 41.46
C TYR D 118 7.90 2.80 40.96
N ILE D 119 7.69 1.85 40.06
CA ILE D 119 8.78 1.14 39.44
C ILE D 119 9.70 2.18 38.78
N ASP D 120 10.99 1.95 38.94
CA ASP D 120 11.99 2.79 38.34
C ASP D 120 12.11 2.36 36.90
N LYS D 121 11.69 3.23 35.98
CA LYS D 121 11.62 2.89 34.55
C LYS D 121 13.00 2.84 33.88
N GLN D 122 14.02 3.35 34.52
CA GLN D 122 15.38 3.23 34.02
C GLN D 122 15.99 1.87 34.38
N ALA D 123 15.81 1.49 35.64
CA ALA D 123 16.24 0.18 36.11
C ALA D 123 15.38 -0.91 35.50
N VAL D 124 14.18 -0.57 35.06
CA VAL D 124 13.23 -1.57 34.51
C VAL D 124 12.59 -1.07 33.19
N PRO D 125 13.38 -1.05 32.10
CA PRO D 125 12.94 -0.47 30.86
C PRO D 125 11.83 -1.25 30.18
N ASN D 126 11.75 -2.55 30.42
CA ASN D 126 10.77 -3.38 29.70
C ASN D 126 9.93 -4.26 30.59
N GLU D 127 8.80 -4.70 30.06
CA GLU D 127 7.91 -5.59 30.78
C GLU D 127 8.67 -6.80 31.15
N THR D 128 8.59 -7.15 32.43
CA THR D 128 9.18 -8.36 32.95
C THR D 128 8.55 -8.64 34.32
N SER D 129 8.91 -9.77 34.88
CA SER D 129 8.47 -10.07 36.22
C SER D 129 9.66 -9.70 37.08
N LEU D 130 9.39 -9.31 38.32
CA LEU D 130 10.49 -9.06 39.22
C LEU D 130 10.10 -9.18 40.68
N ASN D 131 11.12 -9.49 41.48
CA ASN D 131 10.91 -9.65 42.90
CA ASN D 131 10.99 -9.68 42.93
C ASN D 131 11.20 -8.35 43.65
N LEU D 132 10.17 -7.91 44.37
CA LEU D 132 10.22 -6.68 45.16
C LEU D 132 10.38 -7.02 46.63
N THR D 133 11.26 -6.32 47.33
CA THR D 133 11.47 -6.56 48.73
C THR D 133 11.32 -5.28 49.55
N PHE D 134 10.35 -5.29 50.46
CA PHE D 134 10.11 -4.21 51.40
C PHE D 134 10.31 -4.71 52.82
N ALA D 135 10.48 -3.78 53.74
CA ALA D 135 10.64 -4.14 55.15
C ALA D 135 9.88 -3.19 56.08
N THR D 136 9.21 -3.76 57.09
CA THR D 136 8.68 -2.97 58.20
C THR D 136 9.53 -3.24 59.39
N ALA D 137 10.17 -2.21 59.92
CA ALA D 137 11.03 -2.35 61.08
C ALA D 137 12.02 -3.51 61.00
N GLY D 138 12.66 -3.65 59.86
CA GLY D 138 13.72 -4.63 59.72
C GLY D 138 13.26 -6.04 59.37
N LYS D 139 11.96 -6.26 59.41
CA LYS D 139 11.44 -7.54 59.00
C LYS D 139 10.97 -7.46 57.54
N GLU D 140 11.59 -8.30 56.71
CA GLU D 140 11.49 -8.21 55.26
C GLU D 140 10.36 -9.07 54.71
N THR D 141 9.80 -8.64 53.60
CA THR D 141 8.87 -9.49 52.84
C THR D 141 9.17 -9.31 51.34
N SER D 142 8.76 -10.27 50.54
CA SER D 142 9.04 -10.26 49.09
C SER D 142 7.91 -10.79 48.30
N GLN D 143 7.82 -10.30 47.09
CA GLN D 143 6.69 -10.56 46.27
C GLN D 143 7.15 -10.37 44.83
N ASN D 144 6.84 -11.38 44.03
CA ASN D 144 7.04 -11.31 42.63
C ASN D 144 5.84 -10.72 41.97
N VAL D 145 6.05 -9.67 41.19
CA VAL D 145 4.95 -9.07 40.44
C VAL D 145 5.36 -9.12 39.00
N SER D 146 4.43 -8.99 38.11
CA SER D 146 4.79 -8.75 36.74
C SER D 146 4.65 -7.28 36.52
N VAL D 147 5.67 -6.68 35.92
CA VAL D 147 5.63 -5.28 35.54
C VAL D 147 5.00 -5.18 34.18
N ASP D 148 3.75 -4.76 34.16
CA ASP D 148 3.00 -4.69 32.95
C ASP D 148 2.96 -3.20 32.62
N TYR D 149 3.41 -2.88 31.42
CA TYR D 149 3.35 -1.53 30.90
C TYR D 149 2.22 -1.48 29.89
N GLN D 150 1.61 -0.30 29.76
CA GLN D 150 0.55 -0.06 28.79
C GLN D 150 0.88 -0.42 27.34
N ASP D 151 -0.14 -0.71 26.57
CA ASP D 151 0.01 -1.08 25.19
C ASP D 151 -0.39 0.13 24.34
N PRO D 152 0.00 0.12 23.05
CA PRO D 152 -0.50 1.19 22.22
C PRO D 152 -2.02 1.09 21.89
N MET D 153 -2.65 2.23 21.62
CA MET D 153 -4.00 2.23 21.16
C MET D 153 -3.92 2.07 19.66
N VAL D 154 -4.58 1.04 19.13
CA VAL D 154 -4.44 0.67 17.74
C VAL D 154 -5.78 0.62 17.04
N HIS D 155 -5.92 1.40 15.99
CA HIS D 155 -7.07 1.36 15.12
C HIS D 155 -6.51 1.45 13.72
N GLY D 156 -6.58 0.31 13.01
CA GLY D 156 -5.99 0.20 11.70
C GLY D 156 -4.51 0.51 11.81
N ASP D 157 -4.05 1.48 11.01
CA ASP D 157 -2.64 1.83 10.98
C ASP D 157 -2.28 2.84 12.04
N SER D 158 -3.27 3.53 12.58
CA SER D 158 -3.02 4.52 13.60
C SER D 158 -2.68 3.81 14.89
N ASN D 159 -1.46 4.02 15.39
CA ASN D 159 -1.06 3.39 16.63
C ASN D 159 -0.11 4.27 17.40
N ILE D 160 -0.46 4.52 18.67
CA ILE D 160 0.20 5.55 19.49
C ILE D 160 0.12 5.23 21.01
N GLN D 161 1.04 5.80 21.78
CA GLN D 161 1.03 5.74 23.24
C GLN D 161 1.87 6.91 23.78
N SER D 162 1.66 7.25 25.05
CA SER D 162 2.35 8.35 25.69
C SER D 162 2.25 8.27 27.19
N ILE D 163 3.29 8.76 27.86
CA ILE D 163 3.27 9.00 29.29
C ILE D 163 3.91 10.33 29.62
N PHE D 164 3.54 10.83 30.79
CA PHE D 164 4.25 11.86 31.48
C PHE D 164 5.48 11.26 32.14
N THR D 165 6.60 11.98 32.07
CA THR D 165 7.90 11.49 32.54
C THR D 165 8.50 12.34 33.63
N LYS D 166 8.41 13.65 33.45
CA LYS D 166 9.08 14.58 34.35
C LYS D 166 8.22 15.81 34.66
N LEU D 167 8.08 16.11 35.95
CA LEU D 167 7.36 17.29 36.38
C LEU D 167 8.33 18.23 37.10
N ASP D 168 8.60 19.38 36.49
CA ASP D 168 9.36 20.44 37.09
C ASP D 168 8.43 21.55 37.60
N GLU D 169 8.00 21.42 38.86
CA GLU D 169 7.03 22.34 39.45
C GLU D 169 7.60 23.75 39.60
N ASN D 170 8.92 23.85 39.57
CA ASN D 170 9.58 25.12 39.64
C ASN D 170 9.20 25.96 38.45
N LYS D 171 9.51 25.44 37.25
CA LYS D 171 9.22 26.13 36.00
C LYS D 171 7.81 25.87 35.47
N GLN D 172 6.93 25.28 36.28
CA GLN D 172 5.66 24.70 35.81
C GLN D 172 5.66 24.11 34.40
N THR D 173 6.64 23.24 34.12
CA THR D 173 6.68 22.48 32.87
C THR D 173 6.45 21.03 33.15
N ILE D 174 5.63 20.40 32.29
CA ILE D 174 5.42 18.98 32.28
C ILE D 174 6.06 18.42 30.99
N GLU D 175 6.71 17.26 31.10
CA GLU D 175 7.31 16.63 29.94
C GLU D 175 6.49 15.41 29.51
N GLN D 176 6.24 15.28 28.21
CA GLN D 176 5.49 14.12 27.71
C GLN D 176 6.25 13.45 26.60
N GLN D 177 6.38 12.13 26.70
CA GLN D 177 6.98 11.33 25.67
C GLN D 177 5.98 10.49 24.88
N ILE D 178 5.92 10.74 23.57
CA ILE D 178 4.94 10.10 22.69
C ILE D 178 5.66 9.11 21.75
N TYR D 179 5.13 7.89 21.67
CA TYR D 179 5.56 6.92 20.63
C TYR D 179 4.61 6.99 19.44
N VAL D 180 5.14 7.42 18.30
CA VAL D 180 4.37 7.51 17.11
C VAL D 180 4.69 6.26 16.30
N ASN D 181 3.67 5.43 16.05
CA ASN D 181 3.79 4.22 15.24
C ASN D 181 4.83 3.24 15.78
N PRO D 182 4.78 2.97 17.08
CA PRO D 182 5.77 2.04 17.62
C PRO D 182 5.74 0.67 17.00
N LEU D 183 4.60 0.33 16.41
CA LEU D 183 4.42 -0.95 15.76
C LEU D 183 4.96 -0.99 14.30
N LYS D 184 5.60 0.10 13.89
CA LYS D 184 6.33 0.19 12.64
C LYS D 184 5.49 -0.16 11.44
N LYS D 185 4.19 0.14 11.51
CA LYS D 185 3.32 0.02 10.38
C LYS D 185 3.66 1.05 9.30
N THR D 186 3.19 0.79 8.09
CA THR D 186 3.33 1.75 7.02
C THR D 186 2.01 2.46 7.10
N ALA D 187 2.07 3.78 7.20
CA ALA D 187 0.93 4.56 7.58
C ALA D 187 0.82 5.78 6.68
N THR D 188 -0.34 5.90 6.06
CA THR D 188 -0.58 6.91 5.04
C THR D 188 -1.22 8.17 5.61
N ASN D 189 -0.71 9.31 5.20
CA ASN D 189 -1.27 10.61 5.61
C ASN D 189 -1.36 10.77 7.12
N THR D 190 -0.27 10.40 7.80
CA THR D 190 -0.18 10.43 9.24
C THR D 190 -0.24 11.84 9.79
N LYS D 191 -1.32 12.13 10.52
CA LYS D 191 -1.42 13.37 11.28
C LYS D 191 -1.42 13.08 12.76
N VAL D 192 -0.50 13.69 13.47
CA VAL D 192 -0.43 13.58 14.91
C VAL D 192 -0.75 14.92 15.56
N ASP D 193 -1.71 14.87 16.48
CA ASP D 193 -2.12 16.05 17.21
C ASP D 193 -1.65 15.96 18.64
N ILE D 194 -1.36 17.12 19.19
CA ILE D 194 -1.03 17.20 20.61
C ILE D 194 -1.88 18.32 21.17
N ALA D 195 -2.72 17.98 22.13
CA ALA D 195 -3.72 18.87 22.69
C ALA D 195 -3.59 19.04 24.21
N GLY D 196 -3.70 20.29 24.64
CA GLY D 196 -3.52 20.60 26.07
C GLY D 196 -4.76 20.33 26.88
N SER D 197 -5.32 19.14 26.71
CA SER D 197 -6.53 18.69 27.34
C SER D 197 -6.61 17.13 27.26
N GLN D 198 -7.56 16.55 27.99
CA GLN D 198 -7.80 15.13 27.97
C GLN D 198 -8.35 14.73 26.61
N VAL D 199 -8.11 13.50 26.23
CA VAL D 199 -8.48 13.00 24.93
C VAL D 199 -8.92 11.57 25.03
N ASP D 200 -10.00 11.18 24.33
CA ASP D 200 -10.42 9.77 24.35
C ASP D 200 -9.58 8.88 23.41
N ASP D 201 -9.97 7.62 23.31
CA ASP D 201 -9.19 6.63 22.53
C ASP D 201 -9.26 6.81 21.02
N TYR D 202 -10.07 7.76 20.60
CA TYR D 202 -10.20 8.13 19.21
C TYR D 202 -9.72 9.58 19.00
N GLY D 203 -9.07 10.13 20.01
CA GLY D 203 -8.51 11.47 19.93
C GLY D 203 -9.51 12.61 20.05
N ASN D 204 -10.75 12.30 20.38
CA ASN D 204 -11.74 13.34 20.58
C ASN D 204 -11.36 14.10 21.82
N ILE D 205 -11.44 15.40 21.75
CA ILE D 205 -11.02 16.27 22.83
C ILE D 205 -12.12 16.44 23.92
N LYS D 206 -11.75 16.30 25.21
CA LYS D 206 -12.70 16.41 26.32
C LYS D 206 -12.30 17.52 27.25
N LEU D 207 -12.92 18.67 27.05
CA LEU D 207 -12.53 19.87 27.75
C LEU D 207 -13.07 19.93 29.18
N GLY D 208 -12.31 20.56 30.07
CA GLY D 208 -12.71 20.81 31.48
C GLY D 208 -12.15 19.83 32.47
N ASN D 209 -11.44 18.80 31.96
CA ASN D 209 -10.84 17.74 32.78
C ASN D 209 -9.31 17.83 32.94
N GLY D 210 -8.81 19.04 33.13
CA GLY D 210 -7.38 19.26 33.28
C GLY D 210 -6.82 19.85 32.01
N SER D 211 -5.66 20.46 32.09
CA SER D 211 -5.12 21.12 30.92
C SER D 211 -3.62 21.40 30.96
N THR D 212 -3.05 21.72 29.79
CA THR D 212 -1.74 22.31 29.68
C THR D 212 -1.82 23.36 28.57
N ILE D 213 -0.70 24.00 28.27
CA ILE D 213 -0.65 24.96 27.21
C ILE D 213 0.18 24.46 26.05
N ILE D 214 -0.45 24.39 24.88
CA ILE D 214 0.21 23.94 23.64
C ILE D 214 0.14 25.00 22.54
N ASP D 215 1.29 25.51 22.11
CA ASP D 215 1.33 26.49 21.02
C ASP D 215 2.67 26.49 20.34
N GLN D 216 2.94 27.51 19.54
CA GLN D 216 4.19 27.60 18.78
C GLN D 216 5.46 27.63 19.64
N ASN D 217 5.31 27.98 20.92
CA ASN D 217 6.49 28.11 21.80
C ASN D 217 6.77 26.83 22.58
N THR D 218 5.79 25.91 22.62
CA THR D 218 5.97 24.63 23.29
C THR D 218 7.18 23.88 22.72
N GLU D 219 8.11 23.51 23.58
CA GLU D 219 9.23 22.68 23.11
C GLU D 219 8.70 21.33 22.58
N MET D 220 9.04 21.01 21.34
CA MET D 220 8.72 19.72 20.73
C MET D 220 9.91 19.21 19.94
N LYS D 221 10.43 18.05 20.32
CA LYS D 221 11.49 17.41 19.58
C LYS D 221 10.98 16.13 19.01
N VAL D 222 11.44 15.80 17.81
CA VAL D 222 10.98 14.61 17.14
C VAL D 222 12.20 13.78 16.77
N TYR D 223 12.11 12.48 17.02
CA TYR D 223 13.20 11.56 16.72
C TYR D 223 12.67 10.41 15.88
N LYS D 224 13.43 10.06 14.87
CA LYS D 224 13.12 8.91 14.04
C LYS D 224 13.73 7.63 14.63
N VAL D 225 12.92 6.59 14.72
CA VAL D 225 13.44 5.33 15.24
C VAL D 225 13.89 4.45 14.05
N ASN D 226 15.11 3.90 14.15
CA ASN D 226 15.64 2.99 13.13
C ASN D 226 14.87 1.69 13.24
N PRO D 227 14.74 0.94 12.13
CA PRO D 227 13.91 -0.27 12.08
C PRO D 227 14.39 -1.42 12.93
N ASN D 228 15.61 -1.31 13.44
CA ASN D 228 16.20 -2.35 14.32
C ASN D 228 16.27 -1.89 15.78
N GLN D 229 15.91 -0.64 16.03
CA GLN D 229 15.78 -0.14 17.39
C GLN D 229 14.41 -0.50 17.94
N GLN D 230 14.40 -1.19 19.09
CA GLN D 230 13.18 -1.42 19.82
C GLN D 230 13.07 -0.34 20.89
N LEU D 231 11.84 0.12 21.11
CA LEU D 231 11.64 1.17 22.08
C LEU D 231 11.39 0.53 23.41
N PRO D 232 11.86 1.16 24.50
CA PRO D 232 11.57 0.65 25.87
C PRO D 232 10.08 0.64 26.13
N GLN D 233 9.56 -0.53 26.47
CA GLN D 233 8.12 -0.71 26.75
C GLN D 233 7.60 0.21 27.86
N SER D 234 8.47 0.65 28.76
CA SER D 234 8.13 1.55 29.83
C SER D 234 7.61 2.91 29.34
N ASN D 235 7.86 3.20 28.07
CA ASN D 235 7.46 4.43 27.42
C ASN D 235 8.31 5.61 27.86
N ARG D 236 9.42 5.33 28.55
CA ARG D 236 10.32 6.40 28.99
C ARG D 236 11.79 6.29 28.55
N ILE D 237 12.21 7.29 27.77
CA ILE D 237 13.56 7.34 27.21
C ILE D 237 14.45 8.07 28.21
N TYR D 238 15.58 7.48 28.53
CA TYR D 238 16.54 8.14 29.40
C TYR D 238 17.68 8.74 28.59
N ASP D 239 17.90 8.24 27.38
CA ASP D 239 19.01 8.67 26.51
C ASP D 239 18.57 8.92 25.06
N PHE D 240 18.31 10.18 24.75
CA PHE D 240 17.88 10.55 23.41
C PHE D 240 19.00 10.59 22.35
N SER D 241 20.23 10.53 22.83
CA SER D 241 21.39 10.61 21.96
C SER D 241 21.40 9.45 20.98
N GLN D 242 20.67 8.40 21.26
CA GLN D 242 20.74 7.23 20.39
C GLN D 242 19.64 7.20 19.33
N TYR D 243 18.93 8.31 19.18
CA TYR D 243 17.87 8.41 18.17
C TYR D 243 18.12 9.64 17.33
N GLU D 244 18.00 9.47 16.02
CA GLU D 244 18.12 10.59 15.06
C GLU D 244 17.17 11.75 15.33
N ASP D 245 17.72 12.89 15.72
CA ASP D 245 16.93 14.07 15.97
C ASP D 245 16.54 14.69 14.64
N VAL D 246 15.25 14.59 14.26
CA VAL D 246 14.73 15.17 13.02
C VAL D 246 13.84 16.38 13.26
N THR D 247 13.95 16.97 14.45
CA THR D 247 13.10 18.11 14.79
C THR D 247 12.95 19.18 13.69
N SER D 248 14.07 19.64 13.16
CA SER D 248 14.08 20.71 12.20
C SER D 248 13.28 20.37 10.97
N GLN D 249 13.13 19.08 10.70
CA GLN D 249 12.34 18.69 9.54
C GLN D 249 10.86 18.91 9.75
N PHE D 250 10.45 19.29 10.96
CA PHE D 250 9.04 19.60 11.20
C PHE D 250 8.76 21.08 11.33
N ASP D 251 9.77 21.90 11.04
CA ASP D 251 9.59 23.35 11.14
C ASP D 251 8.42 23.83 10.25
N ASN D 252 8.33 23.28 9.05
CA ASN D 252 7.23 23.61 8.15
C ASN D 252 6.12 22.53 8.09
N LYS D 253 6.06 21.63 9.07
CA LYS D 253 5.00 20.64 9.12
C LYS D 253 4.16 20.73 10.38
N LYS D 254 4.17 21.89 11.04
CA LYS D 254 3.48 22.08 12.33
C LYS D 254 2.40 23.12 12.15
N SER D 255 1.33 23.03 12.92
CA SER D 255 0.35 24.12 12.95
C SER D 255 -0.31 24.14 14.29
N PHE D 256 -0.90 25.28 14.63
CA PHE D 256 -1.51 25.48 15.95
C PHE D 256 -2.88 26.12 15.94
N SER D 257 -3.84 25.45 16.58
CA SER D 257 -5.16 26.02 16.68
C SER D 257 -5.89 25.59 17.96
N ASN D 258 -6.34 26.61 18.70
CA ASN D 258 -7.19 26.35 19.89
CA ASN D 258 -7.15 26.42 19.85
C ASN D 258 -6.54 25.33 20.80
N ASN D 259 -5.30 25.61 21.22
CA ASN D 259 -4.53 24.80 22.16
C ASN D 259 -4.25 23.38 21.62
N VAL D 260 -4.16 23.24 20.29
CA VAL D 260 -3.86 21.95 19.66
C VAL D 260 -2.83 22.06 18.55
N ALA D 261 -1.81 21.22 18.66
CA ALA D 261 -0.73 21.17 17.69
C ALA D 261 -0.95 20.01 16.75
N THR D 262 -0.73 20.23 15.47
CA THR D 262 -0.81 19.18 14.45
C THR D 262 0.50 19.02 13.71
N LEU D 263 1.02 17.82 13.68
CA LEU D 263 2.27 17.55 13.03
C LEU D 263 1.98 16.61 11.86
N ASP D 264 2.40 17.03 10.67
CA ASP D 264 2.17 16.25 9.48
C ASP D 264 3.37 15.35 9.19
N PHE D 265 3.24 14.08 9.54
CA PHE D 265 4.28 13.10 9.32
C PHE D 265 4.25 12.52 7.90
N GLY D 266 3.12 12.64 7.22
CA GLY D 266 3.00 12.13 5.85
C GLY D 266 2.93 10.61 5.82
N ASP D 267 3.50 10.03 4.78
CA ASP D 267 3.53 8.57 4.59
C ASP D 267 4.74 7.94 5.30
N ILE D 268 4.52 7.20 6.37
CA ILE D 268 5.62 6.72 7.18
C ILE D 268 5.67 5.21 7.25
N ASN D 269 6.87 4.70 7.55
CA ASN D 269 7.10 3.28 7.79
C ASN D 269 8.01 3.02 9.00
N SER D 270 8.26 4.06 9.79
CA SER D 270 9.07 3.96 10.99
C SER D 270 8.31 4.44 12.21
N ALA D 271 8.87 4.14 13.37
CA ALA D 271 8.39 4.70 14.61
C ALA D 271 9.12 6.03 14.77
N TYR D 272 8.50 6.93 15.53
CA TYR D 272 9.06 8.22 15.90
C TYR D 272 8.79 8.44 17.38
N ILE D 273 9.64 9.21 18.00
CA ILE D 273 9.40 9.67 19.36
C ILE D 273 9.16 11.18 19.33
N ILE D 274 8.12 11.64 20.01
CA ILE D 274 7.96 13.03 20.24
C ILE D 274 8.20 13.34 21.73
N LYS D 275 9.17 14.19 22.01
CA LYS D 275 9.35 14.75 23.35
C LYS D 275 8.78 16.16 23.39
N VAL D 276 7.81 16.33 24.28
CA VAL D 276 7.06 17.55 24.40
C VAL D 276 7.32 18.04 25.81
N VAL D 277 7.65 19.30 25.91
CA VAL D 277 7.80 19.96 27.19
C VAL D 277 6.92 21.20 27.13
N SER D 278 5.88 21.21 27.94
CA SER D 278 4.89 22.26 27.85
C SER D 278 4.63 22.90 29.22
N LYS D 279 3.96 24.05 29.17
CA LYS D 279 3.64 24.83 30.33
C LYS D 279 2.28 24.43 30.79
N TYR D 280 2.09 24.45 32.12
CA TYR D 280 0.78 24.29 32.69
C TYR D 280 0.50 25.50 33.60
N THR D 281 -0.66 25.49 34.24
CA THR D 281 -1.11 26.59 35.08
C THR D 281 -1.78 26.06 36.34
N PRO D 282 -1.06 26.12 37.48
CA PRO D 282 -1.49 25.54 38.78
C PRO D 282 -2.91 25.96 39.16
N THR D 283 -3.67 25.10 39.83
CA THR D 283 -5.11 25.36 40.04
C THR D 283 -5.31 26.50 41.02
N SER D 284 -6.58 26.78 41.33
CA SER D 284 -6.95 27.85 42.29
C SER D 284 -6.16 27.72 43.61
N ASP D 285 -6.31 26.58 44.29
CA ASP D 285 -5.63 26.32 45.58
C ASP D 285 -4.17 25.83 45.48
N GLY D 286 -3.62 25.76 44.27
CA GLY D 286 -2.26 25.26 44.07
C GLY D 286 -2.15 23.74 43.97
N GLU D 287 -3.28 23.06 43.87
CA GLU D 287 -3.28 21.66 43.46
C GLU D 287 -2.81 21.55 41.99
N LEU D 288 -2.80 20.33 41.46
CA LEU D 288 -2.44 20.12 40.08
C LEU D 288 -3.61 19.58 39.31
N ASP D 289 -3.88 20.19 38.15
CA ASP D 289 -4.92 19.70 37.25
C ASP D 289 -4.37 19.75 35.82
N ILE D 290 -3.61 18.73 35.49
CA ILE D 290 -2.82 18.70 34.28
C ILE D 290 -3.34 17.56 33.44
N ALA D 291 -3.68 17.84 32.19
CA ALA D 291 -4.03 16.78 31.23
C ALA D 291 -3.51 17.16 29.88
N GLN D 292 -2.91 16.19 29.21
CA GLN D 292 -2.37 16.37 27.86
C GLN D 292 -2.61 15.11 27.04
N GLY D 293 -3.12 15.27 25.82
CA GLY D 293 -3.58 14.14 25.02
C GLY D 293 -2.94 14.20 23.64
N THR D 294 -2.98 13.07 22.94
CA THR D 294 -2.39 12.97 21.62
C THR D 294 -3.20 12.04 20.75
N SER D 295 -3.19 12.30 19.44
CA SER D 295 -3.93 11.45 18.49
C SER D 295 -3.16 11.19 17.22
N MET D 296 -3.40 10.04 16.61
CA MET D 296 -2.79 9.68 15.36
C MET D 296 -3.91 9.40 14.35
N ARG D 297 -3.91 10.16 13.25
CA ARG D 297 -4.81 9.89 12.14
C ARG D 297 -4.06 9.36 10.90
N THR D 298 -4.60 8.29 10.31
CA THR D 298 -4.08 7.71 9.06
C THR D 298 -5.23 7.39 8.16
N THR D 299 -4.93 7.10 6.90
CA THR D 299 -5.94 6.81 5.88
C THR D 299 -5.70 5.38 5.52
N ASP D 300 -6.75 4.56 5.47
CA ASP D 300 -6.61 3.17 5.11
C ASP D 300 -6.74 3.01 3.59
N LYS D 301 -6.41 1.82 3.13
CA LYS D 301 -6.60 1.42 1.73
C LYS D 301 -7.85 1.89 1.08
N TYR D 302 -8.97 1.88 1.78
CA TYR D 302 -10.22 2.28 1.17
C TYR D 302 -10.47 3.77 1.26
N GLY D 303 -9.52 4.55 1.77
CA GLY D 303 -9.76 5.98 1.96
C GLY D 303 -10.42 6.38 3.28
N TYR D 304 -10.75 5.44 4.13
CA TYR D 304 -11.32 5.79 5.44
C TYR D 304 -10.27 6.28 6.41
N TYR D 305 -10.67 7.18 7.31
CA TYR D 305 -9.84 7.66 8.41
C TYR D 305 -9.87 6.72 9.62
N ASN D 306 -8.75 6.68 10.35
CA ASN D 306 -8.58 5.91 11.58
C ASN D 306 -7.83 6.77 12.61
N TYR D 307 -8.50 7.02 13.73
CA TYR D 307 -7.99 7.83 14.83
C TYR D 307 -7.63 6.98 16.03
N ALA D 308 -6.39 7.11 16.50
CA ALA D 308 -5.95 6.49 17.73
C ALA D 308 -5.54 7.55 18.70
N GLY D 309 -6.02 7.41 19.94
CA GLY D 309 -5.86 8.42 20.98
C GLY D 309 -5.17 7.93 22.24
N TYR D 310 -4.56 8.87 22.98
CA TYR D 310 -3.91 8.58 24.27
C TYR D 310 -3.87 9.85 25.13
N SER D 311 -4.06 9.66 26.43
CA SER D 311 -4.16 10.79 27.33
C SER D 311 -3.54 10.47 28.66
N ASN D 312 -2.83 11.45 29.18
CA ASN D 312 -2.15 11.34 30.42
C ASN D 312 -2.72 12.42 31.36
N PHE D 313 -2.46 12.30 32.65
CA PHE D 313 -2.95 13.31 33.62
C PHE D 313 -2.27 13.22 34.99
N ILE D 314 -2.18 14.37 35.68
CA ILE D 314 -1.79 14.40 37.11
C ILE D 314 -2.78 15.27 37.86
N VAL D 315 -3.44 14.69 38.85
CA VAL D 315 -4.36 15.44 39.69
C VAL D 315 -4.04 15.27 41.18
N THR D 316 -3.59 16.37 41.82
CA THR D 316 -3.26 16.33 43.26
C THR D 316 -4.45 16.61 44.19
N SER D 317 -4.18 16.39 45.48
CA SER D 317 -5.16 16.53 46.58
C SER D 317 -4.41 16.76 47.91
#